data_3EO0
#
_entry.id   3EO0
#
_cell.length_a   91.561
_cell.length_b   83.009
_cell.length_c   91.824
_cell.angle_alpha   90.000
_cell.angle_beta   103.380
_cell.angle_gamma   90.000
#
_symmetry.space_group_name_H-M   'P 1 21 1'
#
loop_
_entity.id
_entity.type
_entity.pdbx_description
1 polymer 'GC-1008 Fab Light Chain'
2 polymer 'GC-1008 Fab Heavy Chain'
3 non-polymer GLYCEROL
4 water water
#
loop_
_entity_poly.entity_id
_entity_poly.type
_entity_poly.pdbx_seq_one_letter_code
_entity_poly.pdbx_strand_id
1 'polypeptide(L)'
;ETVLTQSPGTLSLSPGERATLSCRASQSLGSSYLAWYQQKPGQAPRLLIYGASSRAPGIPDRFSGSGSGTDFTLTISRLE
PEDFAVYYCQQYADSPITFGQGTRLEIKRTVAAPSVFIFPPSDEQLKSGTASVVCLLNNFYPREAKVQWKVDNALQSGNS
QESVTEQDSKDSTYSLSSTLTLSKADYEKHKVYACEVTHQGLSSPVTKSFNRGEC
;
A,C
2 'polypeptide(L)'
;QVQLVQSGAEVKKPGSSVKVSCKASGYTFSSNVISWVRQAPGQGLEWMGGVIPIVDIANYAQRFKGRVTITADESTSTTY
MELSSLRSEDTAVYYCASTLGLVLDAMDYWGQGTLVTVSSASTKGPSVFPLAPCSRSTSESTAALGCLVKDYFPEPVTVS
WNSGALTSGVHTFPAVLQSSGLYSLSSVVTVPSSSLGTKTYTCNVDHKPSNTKVDKRVEPKYGPP
;
B,D
#
# COMPACT_ATOMS: atom_id res chain seq x y z
N GLU A 1 -16.89 -32.68 -2.34
CA GLU A 1 -17.99 -32.05 -1.52
C GLU A 1 -18.51 -30.77 -2.17
N THR A 2 -19.73 -30.42 -1.81
CA THR A 2 -20.35 -29.20 -2.28
C THR A 2 -19.77 -28.05 -1.48
N VAL A 3 -19.31 -27.02 -2.17
CA VAL A 3 -18.74 -25.84 -1.53
C VAL A 3 -19.78 -24.72 -1.53
N LEU A 4 -19.96 -24.09 -0.36
CA LEU A 4 -20.91 -22.98 -0.24
C LEU A 4 -20.11 -21.72 -0.04
N THR A 5 -20.42 -20.70 -0.82
CA THR A 5 -19.68 -19.43 -0.75
C THR A 5 -20.66 -18.34 -0.38
N GLN A 6 -20.45 -17.72 0.77
CA GLN A 6 -21.37 -16.68 1.22
C GLN A 6 -20.85 -15.31 0.84
N SER A 7 -21.80 -14.41 0.62
CA SER A 7 -21.49 -13.02 0.25
CA SER A 7 -21.45 -13.03 0.33
C SER A 7 -22.52 -12.11 0.91
N PRO A 8 -22.10 -10.90 1.33
CA PRO A 8 -20.70 -10.43 1.38
C PRO A 8 -19.99 -11.06 2.58
N GLY A 9 -18.67 -10.95 2.66
CA GLY A 9 -17.94 -11.48 3.83
C GLY A 9 -18.37 -10.75 5.11
N THR A 10 -18.55 -9.43 4.97
CA THR A 10 -19.03 -8.60 6.07
C THR A 10 -20.12 -7.71 5.54
N LEU A 11 -21.27 -7.72 6.22
CA LEU A 11 -22.39 -6.85 5.91
C LEU A 11 -22.53 -5.82 7.03
N SER A 12 -22.51 -4.53 6.67
CA SER A 12 -22.44 -3.46 7.67
C SER A 12 -23.70 -2.64 7.55
N LEU A 13 -24.58 -2.75 8.53
CA LEU A 13 -25.88 -2.08 8.45
C LEU A 13 -26.29 -1.47 9.78
N SER A 14 -27.39 -0.69 9.79
CA SER A 14 -27.92 -0.09 11.02
C SER A 14 -29.20 -0.78 11.44
N PRO A 15 -29.52 -0.79 12.75
CA PRO A 15 -30.83 -1.30 13.15
C PRO A 15 -31.94 -0.54 12.39
N GLY A 16 -32.97 -1.28 12.01
CA GLY A 16 -34.08 -0.79 11.21
C GLY A 16 -33.93 -1.03 9.72
N GLU A 17 -32.71 -1.30 9.24
CA GLU A 17 -32.48 -1.52 7.82
C GLU A 17 -32.76 -2.99 7.44
N ARG A 18 -32.89 -3.24 6.14
CA ARG A 18 -33.09 -4.57 5.57
C ARG A 18 -31.74 -5.18 5.24
N ALA A 19 -31.57 -6.46 5.61
CA ALA A 19 -30.31 -7.16 5.38
C ALA A 19 -30.62 -8.27 4.40
N THR A 20 -29.80 -8.40 3.37
CA THR A 20 -29.84 -9.53 2.43
C THR A 20 -28.49 -10.25 2.42
N LEU A 21 -28.53 -11.53 2.75
CA LEU A 21 -27.32 -12.38 2.78
C LEU A 21 -27.45 -13.46 1.71
N SER A 22 -26.35 -13.73 1.01
CA SER A 22 -26.34 -14.65 -0.12
CA SER A 22 -26.34 -14.64 -0.13
C SER A 22 -25.49 -15.89 0.15
N CYS A 23 -25.94 -17.03 -0.38
CA CYS A 23 -25.18 -18.27 -0.32
C CYS A 23 -25.22 -18.84 -1.72
N ARG A 24 -24.04 -19.13 -2.28
CA ARG A 24 -23.94 -19.72 -3.62
C ARG A 24 -23.30 -21.09 -3.51
N ALA A 25 -23.98 -22.11 -4.03
CA ALA A 25 -23.45 -23.47 -3.96
C ALA A 25 -22.70 -23.85 -5.24
N SER A 26 -21.68 -24.70 -5.11
CA SER A 26 -20.88 -25.13 -6.26
C SER A 26 -21.66 -26.11 -7.14
N GLN A 27 -22.75 -26.65 -6.63
CA GLN A 27 -23.66 -27.46 -7.45
C GLN A 27 -25.09 -27.32 -6.93
N SER A 28 -26.07 -27.71 -7.74
CA SER A 28 -27.47 -27.51 -7.38
C SER A 28 -27.85 -28.25 -6.11
N LEU A 29 -28.58 -27.56 -5.26
CA LEU A 29 -29.12 -28.13 -4.03
C LEU A 29 -30.63 -28.36 -4.10
N GLY A 30 -31.24 -28.09 -5.26
CA GLY A 30 -32.69 -28.20 -5.35
C GLY A 30 -33.32 -26.95 -4.75
N SER A 31 -34.53 -27.10 -4.25
CA SER A 31 -35.22 -25.99 -3.62
C SER A 31 -35.37 -26.30 -2.14
N SER A 32 -34.67 -27.32 -1.64
CA SER A 32 -34.88 -27.73 -0.24
CA SER A 32 -34.88 -27.69 -0.26
C SER A 32 -33.65 -27.65 0.63
N TYR A 33 -32.60 -28.31 0.22
CA TYR A 33 -31.65 -28.77 1.20
C TYR A 33 -30.68 -27.74 1.73
N LEU A 34 -31.20 -26.59 2.14
CA LEU A 34 -30.34 -25.52 2.65
C LEU A 34 -30.94 -24.94 3.92
N ALA A 35 -30.09 -24.72 4.92
CA ALA A 35 -30.51 -24.11 6.18
C ALA A 35 -29.65 -22.88 6.47
N TRP A 36 -30.19 -21.96 7.26
CA TRP A 36 -29.45 -20.77 7.73
C TRP A 36 -29.39 -20.81 9.25
N TYR A 37 -28.22 -20.42 9.80
CA TYR A 37 -27.99 -20.35 11.24
C TYR A 37 -27.46 -18.96 11.61
N GLN A 38 -27.76 -18.56 12.84
CA GLN A 38 -27.14 -17.35 13.44
C GLN A 38 -26.20 -17.83 14.53
N GLN A 39 -25.05 -17.17 14.66
CA GLN A 39 -24.21 -17.50 15.80
C GLN A 39 -23.64 -16.26 16.48
N LYS A 40 -23.82 -16.17 17.77
CA LYS A 40 -23.16 -15.13 18.58
C LYS A 40 -21.96 -15.67 19.37
N PRO A 41 -21.05 -14.77 19.77
CA PRO A 41 -19.85 -15.21 20.47
C PRO A 41 -20.18 -16.04 21.68
N GLY A 42 -19.47 -17.16 21.84
CA GLY A 42 -19.62 -18.02 23.00
C GLY A 42 -20.87 -18.87 23.03
N GLN A 43 -21.61 -18.91 21.92
CA GLN A 43 -22.87 -19.66 21.89
C GLN A 43 -22.89 -20.63 20.75
N ALA A 44 -23.74 -21.65 20.87
CA ALA A 44 -23.94 -22.57 19.76
C ALA A 44 -24.68 -21.87 18.61
N PRO A 45 -24.55 -22.40 17.39
CA PRO A 45 -25.42 -21.86 16.29
C PRO A 45 -26.88 -22.06 16.60
N ARG A 46 -27.72 -21.17 16.06
CA ARG A 46 -29.18 -21.18 16.27
C ARG A 46 -29.84 -21.31 14.88
N LEU A 47 -30.68 -22.34 14.70
CA LEU A 47 -31.32 -22.56 13.39
C LEU A 47 -32.36 -21.44 13.14
N LEU A 48 -32.28 -20.82 11.98
CA LEU A 48 -33.26 -19.77 11.56
C LEU A 48 -34.22 -20.30 10.49
N ILE A 49 -33.68 -20.97 9.46
CA ILE A 49 -34.42 -21.36 8.25
C ILE A 49 -34.00 -22.77 7.89
N TYR A 50 -34.97 -23.58 7.46
CA TYR A 50 -34.64 -24.93 6.94
C TYR A 50 -35.44 -25.12 5.64
N GLY A 51 -35.06 -26.12 4.82
CA GLY A 51 -35.76 -26.31 3.55
C GLY A 51 -35.73 -25.09 2.65
N ALA A 52 -34.68 -24.28 2.79
CA ALA A 52 -34.45 -23.03 2.04
C ALA A 52 -35.34 -21.88 2.43
N SER A 53 -36.61 -22.16 2.75
CA SER A 53 -37.61 -21.08 2.93
C SER A 53 -38.46 -21.18 4.20
N SER A 54 -38.31 -22.25 4.98
CA SER A 54 -39.18 -22.48 6.15
C SER A 54 -38.57 -21.92 7.45
N ARG A 55 -39.29 -21.06 8.15
CA ARG A 55 -38.79 -20.57 9.46
C ARG A 55 -38.85 -21.63 10.56
N ALA A 56 -37.74 -21.78 11.30
CA ALA A 56 -37.71 -22.67 12.43
C ALA A 56 -38.63 -22.19 13.57
N PRO A 57 -39.04 -23.11 14.47
CA PRO A 57 -39.90 -22.77 15.59
C PRO A 57 -39.38 -21.56 16.37
N GLY A 58 -40.28 -20.60 16.65
CA GLY A 58 -39.96 -19.43 17.48
C GLY A 58 -39.16 -18.32 16.83
N ILE A 59 -38.74 -18.52 15.59
CA ILE A 59 -37.99 -17.50 14.83
C ILE A 59 -38.95 -16.38 14.38
N PRO A 60 -38.58 -15.10 14.63
CA PRO A 60 -39.52 -14.03 14.23
C PRO A 60 -39.73 -13.89 12.73
N ASP A 61 -40.90 -13.33 12.36
CA ASP A 61 -41.22 -13.26 10.94
CA ASP A 61 -41.29 -13.12 10.96
C ASP A 61 -40.31 -12.33 10.13
N ARG A 62 -39.48 -11.50 10.81
CA ARG A 62 -38.57 -10.68 10.04
C ARG A 62 -37.51 -11.49 9.30
N PHE A 63 -37.31 -12.75 9.70
CA PHE A 63 -36.38 -13.63 8.99
C PHE A 63 -37.10 -14.39 7.88
N SER A 64 -36.56 -14.36 6.69
CA SER A 64 -37.12 -15.22 5.61
C SER A 64 -36.02 -15.77 4.72
N GLY A 65 -36.31 -16.86 4.04
CA GLY A 65 -35.30 -17.49 3.20
C GLY A 65 -35.92 -17.73 1.83
N SER A 66 -35.10 -17.59 0.79
CA SER A 66 -35.56 -17.85 -0.58
C SER A 66 -34.44 -18.41 -1.42
N GLY A 67 -34.79 -18.85 -2.63
CA GLY A 67 -33.78 -19.32 -3.56
C GLY A 67 -34.00 -20.78 -3.95
N SER A 68 -33.28 -21.19 -4.99
CA SER A 68 -33.28 -22.60 -5.43
C SER A 68 -32.08 -22.82 -6.31
N GLY A 69 -31.78 -24.08 -6.58
CA GLY A 69 -30.66 -24.41 -7.45
C GLY A 69 -29.35 -24.14 -6.75
N THR A 70 -28.61 -23.13 -7.23
CA THR A 70 -27.32 -22.75 -6.63
C THR A 70 -27.33 -21.46 -5.82
N ASP A 71 -28.43 -20.72 -5.85
CA ASP A 71 -28.42 -19.38 -5.26
C ASP A 71 -29.52 -19.19 -4.23
N PHE A 72 -29.11 -18.89 -2.99
CA PHE A 72 -30.03 -18.79 -1.85
C PHE A 72 -29.79 -17.50 -1.11
N THR A 73 -30.85 -17.02 -0.47
CA THR A 73 -30.83 -15.69 0.16
C THR A 73 -31.52 -15.77 1.50
N LEU A 74 -30.91 -15.13 2.51
CA LEU A 74 -31.55 -14.90 3.78
C LEU A 74 -31.82 -13.40 3.85
N THR A 75 -33.05 -13.06 4.18
CA THR A 75 -33.46 -11.64 4.35
C THR A 75 -33.93 -11.38 5.79
N ILE A 76 -33.48 -10.26 6.37
CA ILE A 76 -34.00 -9.82 7.63
C ILE A 76 -34.64 -8.46 7.29
N SER A 77 -35.96 -8.38 7.39
CA SER A 77 -36.72 -7.26 6.81
C SER A 77 -36.42 -5.96 7.50
N ARG A 78 -36.21 -6.04 8.82
CA ARG A 78 -35.98 -4.83 9.63
C ARG A 78 -35.07 -5.26 10.79
N LEU A 79 -33.80 -4.91 10.68
CA LEU A 79 -32.79 -5.38 11.68
C LEU A 79 -33.07 -4.91 13.11
N GLU A 80 -32.98 -5.83 14.07
CA GLU A 80 -32.91 -5.48 15.48
C GLU A 80 -31.46 -5.52 15.95
N PRO A 81 -31.14 -4.76 17.00
CA PRO A 81 -29.80 -4.87 17.62
C PRO A 81 -29.37 -6.32 17.89
N GLU A 82 -30.29 -7.18 18.35
CA GLU A 82 -29.93 -8.57 18.63
C GLU A 82 -29.61 -9.44 17.40
N ASP A 83 -29.81 -8.91 16.21
CA ASP A 83 -29.57 -9.63 14.93
C ASP A 83 -28.12 -9.51 14.45
N PHE A 84 -27.33 -8.65 15.07
CA PHE A 84 -25.96 -8.46 14.61
C PHE A 84 -25.16 -9.62 15.22
N ALA A 85 -24.61 -10.42 14.30
CA ALA A 85 -24.09 -11.77 14.63
C ALA A 85 -23.42 -12.32 13.38
N VAL A 86 -22.89 -13.54 13.43
CA VAL A 86 -22.35 -14.16 12.23
C VAL A 86 -23.42 -15.15 11.75
N TYR A 87 -23.55 -15.26 10.44
CA TYR A 87 -24.59 -16.12 9.84
C TYR A 87 -23.93 -17.13 8.92
N TYR A 88 -24.37 -18.38 9.02
CA TYR A 88 -23.87 -19.46 8.18
C TYR A 88 -25.02 -20.12 7.42
N CYS A 89 -24.78 -20.45 6.16
CA CYS A 89 -25.63 -21.42 5.45
C CYS A 89 -25.06 -22.84 5.58
N GLN A 90 -25.94 -23.80 5.35
CA GLN A 90 -25.58 -25.22 5.49
C GLN A 90 -26.32 -25.96 4.40
N GLN A 91 -25.64 -26.84 3.67
CA GLN A 91 -26.38 -27.61 2.67
C GLN A 91 -26.43 -29.05 3.16
N TYR A 92 -27.51 -29.74 2.83
CA TYR A 92 -27.63 -31.14 3.21
C TYR A 92 -28.24 -31.92 2.05
N ALA A 93 -27.84 -31.58 0.83
CA ALA A 93 -28.34 -32.30 -0.36
C ALA A 93 -27.54 -33.57 -0.55
N ASP A 94 -26.32 -33.57 -0.06
CA ASP A 94 -25.57 -34.84 -0.08
C ASP A 94 -24.45 -34.79 0.93
N SER A 95 -23.82 -35.93 1.15
CA SER A 95 -22.80 -36.03 2.18
C SER A 95 -21.42 -35.74 1.56
N PRO A 96 -20.54 -34.99 2.28
CA PRO A 96 -20.74 -34.51 3.66
C PRO A 96 -21.58 -33.22 3.69
N ILE A 97 -22.28 -33.02 4.77
CA ILE A 97 -22.91 -31.71 5.05
C ILE A 97 -21.75 -30.70 5.05
N THR A 98 -21.98 -29.51 4.48
CA THR A 98 -20.98 -28.45 4.48
C THR A 98 -21.67 -27.12 4.81
N PHE A 99 -20.87 -26.18 5.30
CA PHE A 99 -21.35 -24.85 5.67
C PHE A 99 -20.60 -23.82 4.84
N GLY A 100 -21.21 -22.66 4.67
CA GLY A 100 -20.53 -21.51 4.10
C GLY A 100 -19.55 -21.00 5.14
N GLN A 101 -18.66 -20.11 4.69
CA GLN A 101 -17.58 -19.56 5.54
C GLN A 101 -18.08 -18.50 6.56
N GLY A 102 -19.34 -18.12 6.44
CA GLY A 102 -19.97 -17.17 7.35
C GLY A 102 -19.97 -15.76 6.81
N THR A 103 -21.04 -15.03 7.14
CA THR A 103 -21.13 -13.59 6.86
C THR A 103 -21.23 -12.87 8.20
N ARG A 104 -20.35 -11.89 8.42
CA ARG A 104 -20.37 -11.12 9.66
C ARG A 104 -21.34 -9.95 9.44
N LEU A 105 -22.45 -9.96 10.16
CA LEU A 105 -23.39 -8.83 10.10
C LEU A 105 -23.09 -7.95 11.29
N GLU A 106 -22.50 -6.78 11.01
CA GLU A 106 -22.03 -5.87 12.07
C GLU A 106 -22.77 -4.55 11.97
N ILE A 107 -22.62 -3.74 13.00
CA ILE A 107 -23.24 -2.41 13.06
C ILE A 107 -22.37 -1.44 12.30
N LYS A 108 -22.99 -0.68 11.39
CA LYS A 108 -22.27 0.32 10.62
C LYS A 108 -22.13 1.59 11.46
N ARG A 109 -20.97 2.22 11.36
CA ARG A 109 -20.75 3.52 11.99
C ARG A 109 -19.74 4.28 11.14
N THR A 110 -19.50 5.54 11.48
CA THR A 110 -18.51 6.31 10.73
C THR A 110 -17.13 5.70 10.86
N VAL A 111 -16.31 5.88 9.83
CA VAL A 111 -14.92 5.42 9.85
C VAL A 111 -14.19 6.03 11.07
N ALA A 112 -13.42 5.20 11.76
CA ALA A 112 -12.65 5.66 12.92
C ALA A 112 -11.25 5.03 12.81
N ALA A 113 -10.23 5.89 12.69
CA ALA A 113 -8.86 5.42 12.65
C ALA A 113 -8.49 4.86 14.02
N PRO A 114 -7.64 3.82 14.04
CA PRO A 114 -7.22 3.36 15.36
C PRO A 114 -6.24 4.33 16.00
N SER A 115 -6.25 4.39 17.33
CA SER A 115 -5.11 4.94 18.08
C SER A 115 -4.13 3.79 18.24
N VAL A 116 -2.86 4.03 17.91
CA VAL A 116 -1.87 2.97 17.84
C VAL A 116 -0.79 3.18 18.91
N PHE A 117 -0.42 2.09 19.58
CA PHE A 117 0.54 2.13 20.70
C PHE A 117 1.48 0.95 20.60
N ILE A 118 2.76 1.19 20.85
CA ILE A 118 3.74 0.10 20.90
C ILE A 118 4.31 0.02 22.34
N PHE A 119 4.54 -1.21 22.79
CA PHE A 119 5.02 -1.47 24.14
C PHE A 119 6.28 -2.32 24.05
N PRO A 120 7.40 -1.83 24.61
CA PRO A 120 8.63 -2.65 24.63
C PRO A 120 8.49 -3.80 25.62
N PRO A 121 9.34 -4.85 25.50
CA PRO A 121 9.34 -5.89 26.51
C PRO A 121 9.83 -5.34 27.85
N SER A 122 9.36 -5.91 28.95
CA SER A 122 9.74 -5.46 30.29
C SER A 122 11.08 -6.08 30.65
N ASP A 123 11.82 -5.46 31.58
CA ASP A 123 13.07 -6.07 32.02
C ASP A 123 12.81 -7.37 32.74
N GLU A 124 11.68 -7.45 33.42
CA GLU A 124 11.25 -8.68 34.09
C GLU A 124 11.19 -9.84 33.10
N GLN A 125 10.53 -9.63 31.97
CA GLN A 125 10.45 -10.68 30.97
C GLN A 125 11.82 -11.07 30.44
N LEU A 126 12.64 -10.05 30.16
CA LEU A 126 13.95 -10.23 29.53
C LEU A 126 14.83 -11.16 30.38
N LYS A 127 14.76 -11.02 31.70
CA LYS A 127 15.43 -11.95 32.62
C LYS A 127 15.33 -13.42 32.18
N SER A 128 14.17 -13.81 31.65
CA SER A 128 13.89 -15.22 31.35
C SER A 128 14.13 -15.70 29.92
N GLY A 129 14.74 -14.86 29.08
CA GLY A 129 15.20 -15.31 27.76
C GLY A 129 14.31 -15.06 26.58
N THR A 130 13.14 -14.44 26.82
CA THR A 130 12.17 -14.13 25.79
C THR A 130 11.85 -12.64 25.80
N ALA A 131 11.53 -12.08 24.64
CA ALA A 131 11.12 -10.70 24.54
C ALA A 131 9.82 -10.66 23.75
N SER A 132 8.79 -10.07 24.34
CA SER A 132 7.54 -9.89 23.60
C SER A 132 7.36 -8.41 23.36
N VAL A 133 7.04 -8.04 22.13
CA VAL A 133 6.78 -6.65 21.79
C VAL A 133 5.31 -6.59 21.40
N VAL A 134 4.57 -5.60 21.91
CA VAL A 134 3.12 -5.60 21.73
C VAL A 134 2.69 -4.31 21.02
N CYS A 135 1.79 -4.44 20.06
CA CYS A 135 1.23 -3.29 19.35
C CYS A 135 -0.27 -3.32 19.56
N LEU A 136 -0.84 -2.20 19.99
CA LEU A 136 -2.28 -2.06 20.24
C LEU A 136 -2.86 -1.10 19.21
N LEU A 137 -3.93 -1.54 18.55
CA LEU A 137 -4.75 -0.71 17.70
C LEU A 137 -6.09 -0.54 18.42
N ASN A 138 -6.40 0.68 18.85
CA ASN A 138 -7.53 0.90 19.76
C ASN A 138 -8.70 1.58 19.05
N ASN A 139 -9.90 1.02 19.24
CA ASN A 139 -11.19 1.66 18.87
C ASN A 139 -11.29 2.14 17.42
N PHE A 140 -11.18 1.20 16.49
CA PHE A 140 -11.21 1.54 15.06
C PHE A 140 -12.44 0.93 14.38
N TYR A 141 -12.73 1.45 13.19
CA TYR A 141 -13.87 0.96 12.38
C TYR A 141 -13.58 1.41 10.94
N PRO A 142 -13.74 0.54 9.93
CA PRO A 142 -14.23 -0.84 9.99
C PRO A 142 -13.19 -1.83 10.52
N ARG A 143 -13.54 -3.12 10.47
CA ARG A 143 -12.77 -4.16 11.14
C ARG A 143 -11.43 -4.47 10.49
N GLU A 144 -11.34 -4.27 9.17
CA GLU A 144 -10.15 -4.60 8.36
CA GLU A 144 -10.13 -4.65 8.43
C GLU A 144 -8.97 -3.72 8.76
N ALA A 145 -7.87 -4.32 9.17
CA ALA A 145 -6.67 -3.58 9.56
C ALA A 145 -5.49 -4.52 9.34
N LYS A 146 -4.34 -3.96 9.00
CA LYS A 146 -3.16 -4.77 8.77
C LYS A 146 -2.04 -4.23 9.65
N VAL A 147 -1.41 -5.13 10.41
CA VAL A 147 -0.25 -4.80 11.22
C VAL A 147 0.97 -5.45 10.59
N GLN A 148 2.03 -4.67 10.36
CA GLN A 148 3.30 -5.27 9.96
C GLN A 148 4.34 -4.86 10.97
N TRP A 149 5.11 -5.84 11.39
CA TRP A 149 6.22 -5.67 12.31
C TRP A 149 7.51 -5.51 11.51
N LYS A 150 8.31 -4.52 11.89
CA LYS A 150 9.64 -4.34 11.31
C LYS A 150 10.69 -4.28 12.42
N VAL A 151 11.82 -4.98 12.20
CA VAL A 151 12.95 -4.95 13.12
C VAL A 151 14.16 -4.47 12.31
N ASP A 152 14.68 -3.29 12.66
CA ASP A 152 15.65 -2.54 11.83
C ASP A 152 15.24 -2.53 10.36
N ASN A 153 13.99 -2.12 10.10
CA ASN A 153 13.39 -2.10 8.75
C ASN A 153 13.19 -3.44 8.06
N ALA A 154 13.62 -4.53 8.69
CA ALA A 154 13.34 -5.85 8.15
C ALA A 154 11.90 -6.23 8.50
N LEU A 155 11.11 -6.45 7.46
CA LEU A 155 9.73 -6.90 7.60
C LEU A 155 9.74 -8.28 8.19
N GLN A 156 8.99 -8.46 9.28
CA GLN A 156 8.92 -9.71 10.00
C GLN A 156 7.79 -10.56 9.48
N SER A 157 7.94 -11.88 9.58
CA SER A 157 6.84 -12.79 9.34
C SER A 157 7.01 -14.06 10.15
N GLY A 158 5.89 -14.71 10.47
CA GLY A 158 5.90 -15.98 11.19
C GLY A 158 6.17 -15.94 12.69
N ASN A 159 6.54 -14.77 13.24
CA ASN A 159 6.84 -14.67 14.67
C ASN A 159 5.88 -13.73 15.44
N SER A 160 4.68 -13.55 14.89
CA SER A 160 3.67 -12.72 15.56
C SER A 160 2.30 -13.40 15.63
N GLN A 161 1.52 -13.06 16.66
CA GLN A 161 0.15 -13.51 16.75
C GLN A 161 -0.72 -12.31 17.12
N GLU A 162 -1.98 -12.36 16.75
CA GLU A 162 -2.86 -11.21 17.05
C GLU A 162 -4.25 -11.71 17.38
N SER A 163 -5.01 -10.85 18.05
CA SER A 163 -6.40 -11.15 18.30
C SER A 163 -7.18 -9.85 18.33
N VAL A 164 -8.48 -9.99 18.12
CA VAL A 164 -9.39 -8.84 17.92
C VAL A 164 -10.56 -8.95 18.88
N THR A 165 -11.04 -7.82 19.42
CA THR A 165 -12.18 -7.86 20.33
C THR A 165 -13.46 -7.94 19.49
N GLU A 166 -14.57 -8.33 20.13
CA GLU A 166 -15.87 -8.29 19.49
C GLU A 166 -16.26 -6.84 19.34
N GLN A 167 -17.07 -6.55 18.32
CA GLN A 167 -17.53 -5.15 18.14
C GLN A 167 -18.15 -4.60 19.42
N ASP A 168 -17.73 -3.39 19.82
CA ASP A 168 -18.16 -2.85 21.10
C ASP A 168 -19.66 -2.52 21.08
N SER A 169 -20.42 -2.88 22.12
CA SER A 169 -21.88 -2.70 22.08
C SER A 169 -22.31 -1.25 22.17
N LYS A 170 -21.39 -0.40 22.59
CA LYS A 170 -21.69 1.04 22.75
C LYS A 170 -21.15 1.91 21.64
N ASP A 171 -19.91 1.71 21.26
CA ASP A 171 -19.31 2.59 20.24
C ASP A 171 -19.07 1.96 18.89
N SER A 172 -19.39 0.65 18.76
CA SER A 172 -19.37 -0.08 17.50
C SER A 172 -17.96 -0.20 16.85
N THR A 173 -16.92 -0.05 17.68
CA THR A 173 -15.55 -0.17 17.18
C THR A 173 -14.98 -1.54 17.55
N TYR A 174 -13.80 -1.80 16.98
CA TYR A 174 -12.98 -2.99 17.28
C TYR A 174 -11.63 -2.55 17.82
N SER A 175 -10.94 -3.45 18.52
CA SER A 175 -9.56 -3.19 18.92
C SER A 175 -8.78 -4.46 18.62
N LEU A 176 -7.48 -4.32 18.41
CA LEU A 176 -6.63 -5.47 18.03
C LEU A 176 -5.31 -5.41 18.79
N SER A 177 -4.80 -6.57 19.19
CA SER A 177 -3.51 -6.60 19.87
C SER A 177 -2.65 -7.55 19.06
N SER A 178 -1.42 -7.16 18.77
CA SER A 178 -0.46 -8.06 18.09
C SER A 178 0.78 -8.20 18.96
N THR A 179 1.30 -9.42 19.09
CA THR A 179 2.52 -9.66 19.87
C THR A 179 3.58 -10.27 18.97
N LEU A 180 4.73 -9.61 18.91
CA LEU A 180 5.93 -10.13 18.25
C LEU A 180 6.77 -10.83 19.31
N THR A 181 7.12 -12.09 19.08
CA THR A 181 7.90 -12.85 20.05
C THR A 181 9.31 -13.17 19.50
N LEU A 182 10.33 -12.87 20.29
CA LEU A 182 11.71 -13.13 19.88
C LEU A 182 12.49 -13.62 21.07
N SER A 183 13.55 -14.42 20.83
CA SER A 183 14.45 -14.76 21.92
C SER A 183 15.10 -13.46 22.38
N LYS A 184 15.53 -13.43 23.64
CA LYS A 184 16.28 -12.31 24.17
C LYS A 184 17.56 -12.06 23.34
N ALA A 185 18.23 -13.15 22.96
CA ALA A 185 19.40 -13.09 22.07
C ALA A 185 19.14 -12.29 20.81
N ASP A 186 18.09 -12.67 20.06
CA ASP A 186 17.69 -11.91 18.86
C ASP A 186 17.27 -10.48 19.18
N TYR A 187 16.44 -10.30 20.21
CA TYR A 187 16.00 -8.95 20.60
C TYR A 187 17.19 -8.02 20.78
N GLU A 188 18.24 -8.54 21.40
CA GLU A 188 19.41 -7.69 21.68
C GLU A 188 20.32 -7.44 20.46
N LYS A 189 20.12 -8.21 19.39
CA LYS A 189 20.86 -8.02 18.15
C LYS A 189 20.41 -6.77 17.38
N HIS A 190 19.26 -6.21 17.76
CA HIS A 190 18.66 -5.17 16.93
C HIS A 190 18.28 -3.94 17.72
N LYS A 191 18.04 -2.85 17.01
CA LYS A 191 17.80 -1.57 17.64
C LYS A 191 16.35 -1.10 17.54
N VAL A 192 15.84 -0.95 16.31
CA VAL A 192 14.57 -0.26 16.07
C VAL A 192 13.46 -1.28 15.88
N TYR A 193 12.41 -1.12 16.69
CA TYR A 193 11.26 -2.02 16.68
C TYR A 193 10.05 -1.20 16.30
N ALA A 194 9.36 -1.62 15.24
CA ALA A 194 8.28 -0.79 14.73
C ALA A 194 7.07 -1.61 14.35
N CYS A 195 5.90 -1.03 14.58
CA CYS A 195 4.68 -1.63 14.06
CA CYS A 195 4.64 -1.59 14.16
C CYS A 195 3.99 -0.62 13.17
N GLU A 196 3.72 -1.08 11.94
CA GLU A 196 3.11 -0.27 10.87
C GLU A 196 1.66 -0.73 10.70
N VAL A 197 0.74 0.24 10.76
CA VAL A 197 -0.69 -0.06 10.74
C VAL A 197 -1.35 0.58 9.52
N THR A 198 -2.08 -0.24 8.78
CA THR A 198 -2.83 0.21 7.60
C THR A 198 -4.30 0.05 7.89
N HIS A 199 -5.07 1.11 7.67
CA HIS A 199 -6.50 1.12 7.97
C HIS A 199 -7.17 2.23 7.16
N GLN A 200 -8.41 1.97 6.76
CA GLN A 200 -9.23 2.91 5.99
C GLN A 200 -9.31 4.34 6.57
N GLY A 201 -9.24 4.46 7.90
CA GLY A 201 -9.35 5.74 8.59
C GLY A 201 -8.05 6.54 8.56
N LEU A 202 -7.00 5.90 8.06
CA LEU A 202 -5.69 6.54 7.98
C LEU A 202 -5.34 6.90 6.54
N SER A 203 -5.10 8.18 6.27
CA SER A 203 -4.72 8.63 4.93
C SER A 203 -3.46 7.91 4.40
N SER A 204 -2.56 7.52 5.31
CA SER A 204 -1.46 6.63 4.99
C SER A 204 -1.10 5.86 6.25
N PRO A 205 -0.40 4.71 6.09
CA PRO A 205 -0.10 3.87 7.24
C PRO A 205 0.63 4.63 8.35
N VAL A 206 0.31 4.32 9.60
CA VAL A 206 0.98 4.93 10.75
C VAL A 206 1.93 3.93 11.39
N THR A 207 3.11 4.41 11.76
CA THR A 207 4.12 3.55 12.36
C THR A 207 4.41 4.06 13.78
N LYS A 208 4.45 3.15 14.74
CA LYS A 208 4.92 3.50 16.07
C LYS A 208 6.14 2.67 16.32
N SER A 209 7.16 3.27 16.92
CA SER A 209 8.43 2.58 17.05
C SER A 209 9.12 2.99 18.34
N PHE A 210 10.08 2.16 18.77
CA PHE A 210 11.02 2.52 19.83
C PHE A 210 12.41 1.96 19.50
N ASN A 211 13.43 2.52 20.17
CA ASN A 211 14.80 1.98 20.08
C ASN A 211 15.14 1.23 21.36
N ARG A 212 15.54 -0.03 21.24
CA ARG A 212 16.03 -0.80 22.37
C ARG A 212 17.27 -0.08 22.89
N GLY A 213 17.33 0.15 24.19
CA GLY A 213 18.45 0.88 24.78
C GLY A 213 17.97 2.19 25.37
N GLU A 214 17.07 2.86 24.67
CA GLU A 214 16.41 4.04 25.20
C GLU A 214 15.09 3.64 25.86
N CYS A 215 14.74 2.36 25.74
CA CYS A 215 13.51 1.82 26.31
C CYS A 215 13.73 0.46 26.95
N GLN B 1 -37.96 -29.12 29.52
CA GLN B 1 -37.14 -28.37 28.56
C GLN B 1 -36.22 -29.32 27.79
N VAL B 2 -36.34 -29.31 26.46
CA VAL B 2 -35.53 -30.16 25.60
C VAL B 2 -34.08 -29.70 25.77
N GLN B 3 -33.16 -30.64 26.05
CA GLN B 3 -31.80 -30.24 26.36
C GLN B 3 -30.79 -31.27 25.89
N LEU B 4 -29.66 -30.79 25.39
CA LEU B 4 -28.52 -31.68 25.09
C LEU B 4 -27.37 -31.18 25.95
N VAL B 5 -26.91 -32.03 26.87
CA VAL B 5 -25.89 -31.62 27.84
C VAL B 5 -24.61 -32.40 27.59
N GLN B 6 -23.52 -31.68 27.26
CA GLN B 6 -22.27 -32.32 26.92
C GLN B 6 -21.31 -32.39 28.09
N SER B 7 -20.34 -33.28 27.98
CA SER B 7 -19.31 -33.40 29.00
C SER B 7 -18.32 -32.20 28.99
N GLY B 8 -17.48 -32.12 30.03
CA GLY B 8 -16.69 -30.92 30.22
C GLY B 8 -15.46 -30.82 29.34
N ALA B 9 -14.80 -29.66 29.41
CA ALA B 9 -13.62 -29.35 28.62
C ALA B 9 -12.56 -30.44 28.80
N GLU B 10 -11.81 -30.69 27.73
CA GLU B 10 -10.78 -31.74 27.72
C GLU B 10 -9.45 -31.16 27.25
N VAL B 11 -8.36 -31.69 27.82
CA VAL B 11 -7.02 -31.38 27.32
C VAL B 11 -6.35 -32.72 27.01
N LYS B 12 -5.79 -32.82 25.83
CA LYS B 12 -5.11 -34.06 25.38
C LYS B 12 -3.83 -33.73 24.65
N LYS B 13 -2.82 -34.60 24.80
CA LYS B 13 -1.57 -34.36 24.10
C LYS B 13 -1.66 -34.78 22.62
N PRO B 14 -0.84 -34.19 21.78
CA PRO B 14 -0.83 -34.58 20.37
C PRO B 14 -0.59 -36.08 20.22
N GLY B 15 -1.30 -36.72 19.28
CA GLY B 15 -1.23 -38.16 19.13
C GLY B 15 -2.22 -38.97 19.95
N SER B 16 -2.82 -38.34 20.95
CA SER B 16 -3.73 -39.00 21.85
C SER B 16 -5.14 -39.00 21.27
N SER B 17 -6.10 -39.33 22.10
CA SER B 17 -7.50 -39.42 21.66
C SER B 17 -8.43 -38.85 22.73
N VAL B 18 -9.62 -38.43 22.30
CA VAL B 18 -10.56 -37.79 23.21
C VAL B 18 -11.96 -38.40 22.95
N LYS B 19 -12.76 -38.52 24.00
CA LYS B 19 -14.16 -38.94 23.89
C LYS B 19 -15.05 -37.93 24.60
N VAL B 20 -16.05 -37.44 23.88
CA VAL B 20 -16.95 -36.39 24.40
C VAL B 20 -18.35 -37.02 24.41
N SER B 21 -19.15 -36.75 25.43
CA SER B 21 -20.49 -37.31 25.52
C SER B 21 -21.54 -36.21 25.41
N CYS B 22 -22.76 -36.62 25.08
CA CYS B 22 -23.86 -35.69 24.88
C CYS B 22 -25.10 -36.42 25.37
N LYS B 23 -25.71 -35.91 26.44
CA LYS B 23 -26.85 -36.57 27.07
C LYS B 23 -28.12 -35.79 26.72
N ALA B 24 -29.07 -36.47 26.08
CA ALA B 24 -30.34 -35.83 25.70
C ALA B 24 -31.37 -36.04 26.80
N SER B 25 -32.12 -34.99 27.11
CA SER B 25 -33.22 -35.15 28.05
C SER B 25 -34.37 -34.23 27.62
N GLY B 26 -35.57 -34.51 28.09
CA GLY B 26 -36.70 -33.61 27.84
C GLY B 26 -37.35 -33.74 26.48
N TYR B 27 -36.92 -34.71 25.69
CA TYR B 27 -37.56 -34.97 24.39
C TYR B 27 -38.81 -35.83 24.64
N THR B 28 -39.94 -35.41 24.06
CA THR B 28 -41.15 -36.24 24.11
C THR B 28 -40.90 -37.53 23.32
N PHE B 29 -40.30 -37.38 22.15
CA PHE B 29 -39.82 -38.51 21.34
C PHE B 29 -38.31 -38.35 21.09
N SER B 30 -37.55 -39.38 21.39
CA SER B 30 -36.11 -39.35 21.16
C SER B 30 -35.81 -39.03 19.70
N SER B 31 -34.74 -38.26 19.47
CA SER B 31 -34.35 -37.84 18.13
CA SER B 31 -34.32 -37.83 18.14
C SER B 31 -33.89 -39.02 17.27
N ASN B 32 -34.30 -39.03 16.00
CA ASN B 32 -33.76 -40.06 15.08
C ASN B 32 -32.24 -40.02 14.95
N VAL B 33 -31.67 -38.81 14.91
CA VAL B 33 -30.26 -38.59 14.52
C VAL B 33 -29.66 -37.54 15.43
N ILE B 34 -28.45 -37.83 15.92
CA ILE B 34 -27.63 -36.79 16.58
C ILE B 34 -26.42 -36.58 15.70
N SER B 35 -26.17 -35.32 15.36
CA SER B 35 -25.02 -34.94 14.53
C SER B 35 -23.96 -34.31 15.43
N TRP B 36 -22.72 -34.34 14.96
CA TRP B 36 -21.59 -33.71 15.66
C TRP B 36 -20.94 -32.73 14.70
N VAL B 37 -20.70 -31.50 15.18
CA VAL B 37 -20.20 -30.41 14.38
C VAL B 37 -19.12 -29.73 15.23
N ARG B 38 -17.99 -29.37 14.65
CA ARG B 38 -16.94 -28.67 15.43
C ARG B 38 -16.63 -27.29 14.88
N GLN B 39 -15.95 -26.47 15.70
CA GLN B 39 -15.59 -25.18 15.28
C GLN B 39 -14.28 -24.78 15.98
N ALA B 40 -13.22 -24.65 15.19
CA ALA B 40 -11.92 -24.19 15.70
C ALA B 40 -12.08 -22.70 16.06
N PRO B 41 -11.31 -22.24 17.07
CA PRO B 41 -11.49 -20.83 17.52
C PRO B 41 -11.35 -19.83 16.38
N GLY B 42 -12.35 -18.96 16.21
CA GLY B 42 -12.31 -17.97 15.13
C GLY B 42 -12.64 -18.47 13.73
N GLN B 43 -12.94 -19.77 13.60
CA GLN B 43 -13.17 -20.34 12.27
C GLN B 43 -14.65 -20.73 12.12
N GLY B 44 -14.93 -21.39 11.00
CA GLY B 44 -16.30 -21.81 10.62
C GLY B 44 -16.71 -23.16 11.20
N LEU B 45 -17.85 -23.64 10.73
CA LEU B 45 -18.47 -24.84 11.24
C LEU B 45 -18.07 -26.00 10.32
N GLU B 46 -17.81 -27.14 10.94
CA GLU B 46 -17.37 -28.35 10.22
C GLU B 46 -18.14 -29.57 10.73
N TRP B 47 -18.95 -30.18 9.86
CA TRP B 47 -19.77 -31.31 10.27
C TRP B 47 -18.88 -32.55 10.22
N MET B 48 -18.96 -33.34 11.26
CA MET B 48 -18.12 -34.53 11.44
C MET B 48 -18.81 -35.83 11.09
N GLY B 49 -20.10 -35.90 11.38
CA GLY B 49 -20.83 -37.16 11.21
C GLY B 49 -22.06 -37.15 12.10
N GLY B 50 -22.74 -38.27 12.11
CA GLY B 50 -23.88 -38.42 12.96
C GLY B 50 -24.13 -39.84 13.30
N VAL B 51 -25.11 -40.05 14.15
CA VAL B 51 -25.50 -41.42 14.52
C VAL B 51 -27.01 -41.50 14.69
N ILE B 52 -27.55 -42.65 14.33
CA ILE B 52 -28.95 -42.97 14.55
C ILE B 52 -29.00 -43.88 15.77
N PRO B 53 -29.35 -43.33 16.95
CA PRO B 53 -29.26 -44.13 18.17
C PRO B 53 -30.02 -45.45 18.19
N ILE B 54 -31.22 -45.50 17.58
CA ILE B 54 -32.03 -46.70 17.74
C ILE B 54 -31.38 -47.94 17.09
N VAL B 55 -30.59 -47.74 16.04
CA VAL B 55 -29.85 -48.85 15.40
C VAL B 55 -28.32 -48.76 15.62
N ASP B 56 -27.88 -47.68 16.26
CA ASP B 56 -26.46 -47.37 16.48
C ASP B 56 -25.67 -47.42 15.18
N ILE B 57 -26.20 -46.78 14.13
CA ILE B 57 -25.50 -46.67 12.86
C ILE B 57 -25.02 -45.25 12.67
N ALA B 58 -23.70 -45.11 12.53
CA ALA B 58 -23.08 -43.80 12.33
C ALA B 58 -22.80 -43.53 10.87
N ASN B 59 -22.74 -42.26 10.51
CA ASN B 59 -22.22 -41.84 9.21
C ASN B 59 -21.19 -40.73 9.40
N TYR B 60 -20.25 -40.60 8.49
CA TYR B 60 -19.07 -39.76 8.72
C TYR B 60 -18.71 -38.94 7.52
N ALA B 61 -18.13 -37.75 7.77
CA ALA B 61 -17.49 -36.97 6.74
C ALA B 61 -16.21 -37.70 6.35
N GLN B 62 -15.94 -37.86 5.06
CA GLN B 62 -14.80 -38.71 4.67
C GLN B 62 -13.43 -38.18 5.16
N ARG B 63 -13.33 -36.87 5.36
CA ARG B 63 -12.10 -36.32 5.92
C ARG B 63 -11.80 -36.77 7.37
N PHE B 64 -12.80 -37.28 8.08
CA PHE B 64 -12.62 -37.82 9.45
C PHE B 64 -12.76 -39.34 9.53
N LYS B 65 -13.26 -39.96 8.46
CA LYS B 65 -13.32 -41.41 8.37
C LYS B 65 -12.01 -42.02 8.85
N GLY B 66 -12.12 -42.93 9.81
CA GLY B 66 -10.96 -43.66 10.23
C GLY B 66 -10.27 -43.02 11.43
N ARG B 67 -10.67 -41.79 11.76
CA ARG B 67 -10.18 -41.11 13.00
C ARG B 67 -11.31 -40.80 13.99
N VAL B 68 -12.53 -40.68 13.47
CA VAL B 68 -13.71 -40.35 14.29
CA VAL B 68 -13.65 -40.37 14.33
C VAL B 68 -14.60 -41.57 14.48
N THR B 69 -15.08 -41.78 15.69
CA THR B 69 -16.08 -42.81 15.93
C THR B 69 -17.24 -42.19 16.70
N ILE B 70 -18.47 -42.31 16.19
CA ILE B 70 -19.64 -41.79 16.89
C ILE B 70 -20.51 -42.96 17.30
N THR B 71 -20.82 -43.04 18.58
CA THR B 71 -21.61 -44.17 19.07
C THR B 71 -22.79 -43.71 19.90
N ALA B 72 -23.76 -44.59 20.10
CA ALA B 72 -24.94 -44.26 20.87
C ALA B 72 -25.22 -45.26 21.95
N ASP B 73 -25.62 -44.77 23.10
CA ASP B 73 -26.18 -45.59 24.17
C ASP B 73 -27.64 -45.17 24.33
N GLU B 74 -28.52 -45.84 23.59
CA GLU B 74 -29.94 -45.48 23.56
C GLU B 74 -30.56 -45.61 24.95
N SER B 75 -30.01 -46.51 25.78
CA SER B 75 -30.55 -46.78 27.12
C SER B 75 -30.38 -45.59 28.08
N THR B 76 -29.34 -44.80 27.87
CA THR B 76 -29.09 -43.61 28.69
C THR B 76 -29.31 -42.32 27.88
N SER B 77 -29.89 -42.46 26.69
CA SER B 77 -30.05 -41.38 25.70
CA SER B 77 -30.08 -41.33 25.78
C SER B 77 -28.78 -40.54 25.59
N THR B 78 -27.65 -41.24 25.50
CA THR B 78 -26.35 -40.58 25.34
C THR B 78 -25.68 -41.01 24.04
N THR B 79 -25.00 -40.07 23.39
CA THR B 79 -24.13 -40.35 22.25
C THR B 79 -22.72 -39.87 22.58
N TYR B 80 -21.75 -40.42 21.87
CA TYR B 80 -20.35 -40.16 22.16
C TYR B 80 -19.62 -39.90 20.86
N MET B 81 -18.66 -38.99 20.86
CA MET B 81 -17.83 -38.75 19.72
C MET B 81 -16.40 -38.97 20.20
N GLU B 82 -15.72 -39.93 19.60
CA GLU B 82 -14.32 -40.18 19.91
C GLU B 82 -13.45 -39.82 18.72
N LEU B 83 -12.38 -39.06 18.94
CA LEU B 83 -11.49 -38.58 17.88
C LEU B 83 -10.06 -38.97 18.26
N SER B 84 -9.37 -39.70 17.39
CA SER B 84 -8.05 -40.25 17.71
C SER B 84 -6.97 -39.55 16.91
N SER B 85 -5.69 -39.90 17.17
CA SER B 85 -4.55 -39.24 16.51
C SER B 85 -4.64 -37.71 16.49
N LEU B 86 -4.88 -37.12 17.65
CA LEU B 86 -5.11 -35.67 17.77
C LEU B 86 -3.93 -34.84 17.31
N ARG B 87 -4.22 -33.79 16.56
CA ARG B 87 -3.23 -32.78 16.14
C ARG B 87 -3.71 -31.39 16.53
N SER B 88 -2.83 -30.39 16.38
CA SER B 88 -3.18 -29.00 16.75
CA SER B 88 -3.18 -29.00 16.74
C SER B 88 -4.45 -28.51 16.06
N GLU B 89 -4.68 -28.94 14.83
CA GLU B 89 -5.85 -28.55 14.09
C GLU B 89 -7.16 -29.09 14.69
N ASP B 90 -7.06 -30.02 15.64
CA ASP B 90 -8.26 -30.56 16.28
C ASP B 90 -8.75 -29.75 17.50
N THR B 91 -7.99 -28.72 17.89
CA THR B 91 -8.38 -27.86 18.99
C THR B 91 -9.60 -27.08 18.52
N ALA B 92 -10.71 -27.25 19.22
CA ALA B 92 -11.99 -26.75 18.68
C ALA B 92 -13.06 -26.96 19.73
N VAL B 93 -14.21 -26.29 19.56
CA VAL B 93 -15.37 -26.63 20.36
C VAL B 93 -16.18 -27.69 19.59
N TYR B 94 -16.58 -28.76 20.26
CA TYR B 94 -17.27 -29.87 19.62
C TYR B 94 -18.70 -29.79 20.08
N TYR B 95 -19.66 -29.69 19.14
CA TYR B 95 -21.07 -29.66 19.48
C TYR B 95 -21.80 -30.92 19.04
N CYS B 96 -22.75 -31.36 19.84
CA CYS B 96 -23.75 -32.32 19.36
CA CYS B 96 -23.73 -32.33 19.37
C CYS B 96 -25.03 -31.56 19.06
N ALA B 97 -25.87 -32.08 18.17
CA ALA B 97 -27.10 -31.36 17.80
C ALA B 97 -28.03 -32.40 17.25
N SER B 98 -29.30 -32.31 17.59
CA SER B 98 -30.31 -33.22 17.01
C SER B 98 -30.87 -32.61 15.73
N THR B 99 -31.40 -33.44 14.84
CA THR B 99 -31.83 -32.95 13.53
C THR B 99 -33.35 -32.92 13.45
N LEU B 100 -33.82 -32.31 12.38
CA LEU B 100 -35.25 -32.21 12.09
C LEU B 100 -35.90 -33.55 11.73
N GLY B 101 -35.08 -34.60 11.58
CA GLY B 101 -35.69 -35.91 11.34
C GLY B 101 -34.77 -36.88 10.63
N LEU B 102 -33.88 -36.35 9.79
CA LEU B 102 -33.11 -37.19 8.89
C LEU B 102 -31.62 -37.07 9.19
N VAL B 103 -30.80 -37.87 8.51
CA VAL B 103 -29.37 -37.84 8.72
C VAL B 103 -28.79 -36.61 8.05
N LEU B 104 -29.17 -36.37 6.80
CA LEU B 104 -28.73 -35.18 6.11
C LEU B 104 -29.86 -34.17 6.30
N ASP B 105 -29.67 -33.31 7.30
CA ASP B 105 -30.78 -32.42 7.70
C ASP B 105 -30.25 -31.22 8.47
N ALA B 106 -31.15 -30.25 8.64
CA ALA B 106 -30.90 -29.15 9.54
C ALA B 106 -30.92 -29.58 11.01
N MET B 107 -30.28 -28.78 11.86
CA MET B 107 -30.08 -29.12 13.26
C MET B 107 -30.73 -28.06 14.13
N ASP B 108 -31.76 -28.44 14.90
CA ASP B 108 -32.58 -27.48 15.64
C ASP B 108 -32.21 -27.33 17.14
N TYR B 109 -31.76 -28.40 17.79
CA TYR B 109 -31.33 -28.29 19.18
C TYR B 109 -29.85 -28.61 19.25
N TRP B 110 -29.10 -27.77 19.98
CA TRP B 110 -27.66 -27.91 20.09
C TRP B 110 -27.23 -28.05 21.54
N GLY B 111 -26.19 -28.87 21.78
CA GLY B 111 -25.55 -28.91 23.10
C GLY B 111 -24.76 -27.62 23.34
N GLN B 112 -24.22 -27.47 24.54
CA GLN B 112 -23.53 -26.25 24.93
C GLN B 112 -22.11 -26.20 24.34
N GLY B 113 -21.64 -27.31 23.76
CA GLY B 113 -20.30 -27.38 23.24
C GLY B 113 -19.34 -27.91 24.29
N THR B 114 -18.30 -28.59 23.81
CA THR B 114 -17.17 -29.11 24.62
C THR B 114 -15.86 -28.62 23.97
N LEU B 115 -15.06 -27.87 24.73
CA LEU B 115 -13.79 -27.42 24.20
C LEU B 115 -12.83 -28.57 24.36
N VAL B 116 -12.12 -28.88 23.29
CA VAL B 116 -11.02 -29.88 23.33
C VAL B 116 -9.78 -29.13 22.92
N THR B 117 -8.77 -29.08 23.80
CA THR B 117 -7.52 -28.40 23.51
C THR B 117 -6.39 -29.41 23.39
N VAL B 118 -5.69 -29.41 22.26
CA VAL B 118 -4.58 -30.35 22.01
C VAL B 118 -3.31 -29.60 22.38
N SER B 119 -2.74 -29.99 23.51
CA SER B 119 -1.53 -29.32 24.00
C SER B 119 -0.72 -30.30 24.82
N SER B 120 0.60 -30.12 24.79
CA SER B 120 1.51 -30.89 25.66
C SER B 120 1.69 -30.24 27.06
N ALA B 121 1.08 -29.07 27.28
CA ALA B 121 1.30 -28.30 28.51
C ALA B 121 0.74 -28.94 29.76
N SER B 122 1.37 -28.63 30.89
CA SER B 122 0.83 -28.92 32.22
C SER B 122 0.23 -27.61 32.79
N THR B 123 -0.59 -27.71 33.83
CA THR B 123 -1.14 -26.49 34.49
C THR B 123 0.01 -25.56 34.89
N LYS B 124 -0.15 -24.27 34.64
CA LYS B 124 0.94 -23.35 34.86
C LYS B 124 0.35 -21.96 35.01
N GLY B 125 0.70 -21.29 36.09
CA GLY B 125 0.20 -19.93 36.29
C GLY B 125 0.90 -18.94 35.39
N PRO B 126 0.23 -17.82 35.08
CA PRO B 126 0.81 -16.84 34.20
C PRO B 126 1.96 -16.04 34.82
N SER B 127 2.84 -15.56 33.97
CA SER B 127 3.74 -14.45 34.31
C SER B 127 3.01 -13.20 33.89
N VAL B 128 3.08 -12.16 34.69
CA VAL B 128 2.32 -10.95 34.35
C VAL B 128 3.32 -9.80 34.16
N PHE B 129 3.41 -9.28 32.94
CA PHE B 129 4.39 -8.26 32.59
C PHE B 129 3.70 -6.94 32.28
N PRO B 130 4.29 -5.82 32.67
CA PRO B 130 3.68 -4.52 32.34
C PRO B 130 3.78 -4.18 30.86
N LEU B 131 2.76 -3.53 30.34
CA LEU B 131 2.81 -2.92 29.02
C LEU B 131 2.75 -1.42 29.25
N ALA B 132 3.87 -0.75 29.03
CA ALA B 132 3.94 0.66 29.34
C ALA B 132 4.71 1.34 28.26
N PRO B 133 4.30 2.57 27.89
CA PRO B 133 4.97 3.27 26.81
C PRO B 133 6.35 3.63 27.26
N CYS B 134 7.29 3.70 26.34
CA CYS B 134 8.57 4.29 26.72
CA CYS B 134 8.61 4.26 26.61
C CYS B 134 8.57 5.77 26.41
N SER B 135 7.87 6.18 25.35
CA SER B 135 7.66 7.60 25.03
C SER B 135 6.21 7.81 24.58
N ARG B 136 5.77 9.08 24.59
CA ARG B 136 4.42 9.46 24.17
C ARG B 136 4.38 10.94 23.77
N SER B 137 4.09 11.22 22.50
CA SER B 137 4.09 12.60 22.00
C SER B 137 2.99 13.49 22.61
N THR B 138 3.17 14.80 22.51
CA THR B 138 2.22 15.75 23.06
C THR B 138 0.96 15.83 22.20
N SER B 139 1.07 15.36 20.95
CA SER B 139 -0.05 15.38 20.03
C SER B 139 -0.99 14.20 20.27
N GLU B 140 -0.77 13.50 21.38
CA GLU B 140 -1.60 12.35 21.73
C GLU B 140 -2.51 12.69 22.90
N SER B 141 -3.80 12.70 22.63
CA SER B 141 -4.81 13.00 23.64
C SER B 141 -5.08 11.80 24.54
N THR B 142 -4.75 10.59 24.06
CA THR B 142 -4.90 9.42 24.89
C THR B 142 -3.58 8.63 25.03
N ALA B 143 -3.49 7.89 26.12
CA ALA B 143 -2.34 7.01 26.36
C ALA B 143 -2.87 5.62 26.68
N ALA B 144 -2.02 4.60 26.54
CA ALA B 144 -2.46 3.24 26.81
C ALA B 144 -1.46 2.59 27.75
N LEU B 145 -1.99 1.73 28.62
CA LEU B 145 -1.20 0.91 29.52
C LEU B 145 -1.79 -0.48 29.48
N GLY B 146 -1.05 -1.48 29.91
CA GLY B 146 -1.71 -2.77 30.01
C GLY B 146 -0.85 -3.79 30.70
N CYS B 147 -1.30 -5.03 30.63
CA CYS B 147 -0.44 -6.10 31.09
CA CYS B 147 -0.53 -6.15 31.16
C CYS B 147 -0.51 -7.29 30.16
N LEU B 148 0.65 -7.92 30.03
CA LEU B 148 0.77 -9.09 29.18
C LEU B 148 0.75 -10.30 30.10
N VAL B 149 -0.22 -11.17 29.88
CA VAL B 149 -0.50 -12.27 30.80
C VAL B 149 -0.01 -13.51 30.01
N LYS B 150 1.20 -13.96 30.31
CA LYS B 150 1.93 -14.83 29.40
C LYS B 150 2.18 -16.23 29.98
N ASP B 151 2.06 -17.24 29.11
CA ASP B 151 2.56 -18.57 29.38
C ASP B 151 1.81 -19.23 30.50
N TYR B 152 0.49 -19.27 30.37
CA TYR B 152 -0.31 -19.99 31.34
C TYR B 152 -1.09 -21.12 30.68
N PHE B 153 -1.68 -21.97 31.52
CA PHE B 153 -2.44 -23.17 31.06
C PHE B 153 -3.18 -23.80 32.24
N PRO B 154 -4.46 -24.22 32.06
CA PRO B 154 -5.29 -24.09 30.88
C PRO B 154 -6.03 -22.74 30.97
N GLU B 155 -6.94 -22.50 30.04
CA GLU B 155 -7.89 -21.37 30.21
C GLU B 155 -8.85 -21.66 31.36
N PRO B 156 -9.49 -20.63 31.92
CA PRO B 156 -9.36 -19.21 31.63
C PRO B 156 -8.52 -18.48 32.71
N VAL B 157 -8.22 -17.21 32.42
CA VAL B 157 -7.77 -16.28 33.44
C VAL B 157 -8.84 -15.19 33.54
N THR B 158 -8.89 -14.52 34.67
CA THR B 158 -9.76 -13.37 34.83
C THR B 158 -8.84 -12.20 35.09
N VAL B 159 -9.01 -11.12 34.33
CA VAL B 159 -8.19 -9.93 34.50
C VAL B 159 -9.08 -8.78 34.88
N SER B 160 -8.71 -8.11 35.97
CA SER B 160 -9.42 -6.88 36.35
CA SER B 160 -9.42 -6.90 36.43
C SER B 160 -8.43 -5.75 36.48
N TRP B 161 -8.96 -4.52 36.58
CA TRP B 161 -8.08 -3.38 36.76
C TRP B 161 -8.50 -2.66 38.04
N ASN B 162 -7.50 -2.22 38.79
CA ASN B 162 -7.72 -1.52 40.05
C ASN B 162 -8.72 -2.28 40.94
N SER B 163 -8.54 -3.60 41.03
CA SER B 163 -9.36 -4.46 41.87
C SER B 163 -10.85 -4.40 41.49
N GLY B 164 -11.10 -4.10 40.22
CA GLY B 164 -12.44 -4.08 39.65
C GLY B 164 -13.05 -2.69 39.65
N ALA B 165 -12.36 -1.73 40.26
CA ALA B 165 -12.87 -0.33 40.24
C ALA B 165 -12.78 0.35 38.85
N LEU B 166 -11.89 -0.15 37.99
CA LEU B 166 -11.66 0.41 36.67
C LEU B 166 -12.18 -0.55 35.60
N THR B 167 -13.25 -0.17 34.93
CA THR B 167 -13.81 -1.00 33.86
C THR B 167 -13.91 -0.25 32.55
N SER B 168 -14.19 1.05 32.58
CA SER B 168 -14.29 1.82 31.36
C SER B 168 -12.94 1.91 30.64
N GLY B 169 -12.97 1.70 29.32
CA GLY B 169 -11.81 1.90 28.46
C GLY B 169 -10.91 0.64 28.48
N VAL B 170 -11.37 -0.43 29.13
CA VAL B 170 -10.54 -1.65 29.22
C VAL B 170 -10.83 -2.53 28.02
N HIS B 171 -9.79 -3.11 27.41
CA HIS B 171 -10.00 -4.21 26.44
C HIS B 171 -9.16 -5.38 26.88
N THR B 172 -9.81 -6.48 27.22
CA THR B 172 -9.06 -7.71 27.51
C THR B 172 -9.27 -8.59 26.29
N PHE B 173 -8.16 -8.93 25.63
CA PHE B 173 -8.19 -9.61 24.33
C PHE B 173 -8.34 -11.12 24.49
N PRO B 174 -8.91 -11.76 23.45
CA PRO B 174 -8.92 -13.21 23.40
C PRO B 174 -7.49 -13.73 23.55
N ALA B 175 -7.31 -14.78 24.34
CA ALA B 175 -5.99 -15.39 24.45
C ALA B 175 -5.62 -16.04 23.13
N VAL B 176 -4.32 -16.19 22.88
CA VAL B 176 -3.84 -16.97 21.75
C VAL B 176 -3.08 -18.16 22.33
N LEU B 177 -3.30 -19.33 21.75
CA LEU B 177 -2.52 -20.53 22.13
C LEU B 177 -1.25 -20.49 21.31
N GLN B 178 -0.11 -20.42 22.00
CA GLN B 178 1.19 -20.27 21.37
C GLN B 178 1.68 -21.64 20.90
N SER B 179 2.69 -21.63 20.04
CA SER B 179 3.23 -22.90 19.54
C SER B 179 3.82 -23.75 20.66
N SER B 180 4.10 -23.13 21.81
CA SER B 180 4.59 -23.84 23.01
C SER B 180 3.49 -24.63 23.70
N GLY B 181 2.24 -24.37 23.32
CA GLY B 181 1.09 -25.02 23.94
C GLY B 181 0.57 -24.27 25.15
N LEU B 182 1.17 -23.11 25.42
CA LEU B 182 0.71 -22.23 26.48
C LEU B 182 -0.06 -21.03 25.93
N TYR B 183 -0.99 -20.52 26.71
CA TYR B 183 -1.73 -19.33 26.29
C TYR B 183 -0.99 -18.01 26.59
N SER B 184 -1.35 -16.93 25.89
CA SER B 184 -0.87 -15.59 26.21
C SER B 184 -2.00 -14.64 25.89
N LEU B 185 -2.17 -13.61 26.70
CA LEU B 185 -3.25 -12.68 26.48
C LEU B 185 -2.78 -11.31 26.88
N SER B 186 -3.34 -10.26 26.29
CA SER B 186 -3.07 -8.90 26.80
CA SER B 186 -3.07 -8.90 26.80
C SER B 186 -4.37 -8.26 27.25
N SER B 187 -4.24 -7.35 28.22
CA SER B 187 -5.38 -6.55 28.65
C SER B 187 -4.84 -5.14 28.71
N VAL B 188 -5.59 -4.20 28.16
CA VAL B 188 -5.10 -2.83 28.07
C VAL B 188 -6.19 -1.90 28.55
N VAL B 189 -5.78 -0.70 28.94
CA VAL B 189 -6.73 0.36 29.25
C VAL B 189 -6.23 1.62 28.55
N THR B 190 -7.16 2.42 28.01
CA THR B 190 -6.74 3.71 27.50
C THR B 190 -7.29 4.79 28.42
N VAL B 191 -6.46 5.81 28.60
CA VAL B 191 -6.74 6.88 29.55
C VAL B 191 -6.39 8.22 28.93
N PRO B 192 -6.97 9.30 29.45
CA PRO B 192 -6.51 10.59 28.97
C PRO B 192 -5.02 10.72 29.26
N SER B 193 -4.24 11.32 28.35
CA SER B 193 -2.79 11.45 28.56
CA SER B 193 -2.79 11.47 28.55
C SER B 193 -2.44 12.11 29.89
N SER B 194 -3.24 13.07 30.33
CA SER B 194 -2.99 13.73 31.62
C SER B 194 -3.15 12.81 32.83
N SER B 195 -3.82 11.66 32.69
CA SER B 195 -3.97 10.73 33.79
C SER B 195 -2.74 9.85 33.95
N LEU B 196 -1.96 9.72 32.89
CA LEU B 196 -0.75 8.91 32.94
C LEU B 196 0.27 9.61 33.83
N GLY B 197 0.76 8.94 34.86
CA GLY B 197 1.61 9.63 35.82
C GLY B 197 0.92 10.40 36.94
N THR B 198 -0.40 10.66 36.89
CA THR B 198 -1.10 11.16 38.08
C THR B 198 -2.00 10.11 38.72
N LYS B 199 -2.33 9.05 37.97
CA LYS B 199 -3.18 8.01 38.55
C LYS B 199 -2.45 6.68 38.54
N THR B 200 -2.94 5.74 39.34
CA THR B 200 -2.27 4.44 39.51
C THR B 200 -3.11 3.39 38.82
N TYR B 201 -2.43 2.54 38.05
CA TYR B 201 -3.14 1.50 37.29
C TYR B 201 -2.52 0.16 37.64
N THR B 202 -3.32 -0.74 38.19
CA THR B 202 -2.83 -2.03 38.66
C THR B 202 -3.70 -3.12 38.03
N CYS B 203 -3.09 -4.07 37.36
CA CYS B 203 -3.91 -5.17 36.82
C CYS B 203 -3.89 -6.34 37.77
N ASN B 204 -5.02 -7.00 37.92
CA ASN B 204 -5.17 -8.09 38.85
C ASN B 204 -5.50 -9.32 38.01
N VAL B 205 -4.72 -10.37 38.16
CA VAL B 205 -4.86 -11.56 37.31
C VAL B 205 -5.14 -12.78 38.21
N ASP B 206 -6.23 -13.50 37.93
CA ASP B 206 -6.63 -14.61 38.75
C ASP B 206 -6.63 -15.82 37.83
N HIS B 207 -5.90 -16.86 38.22
CA HIS B 207 -5.86 -18.08 37.43
C HIS B 207 -6.17 -19.23 38.37
N LYS B 208 -7.44 -19.64 38.41
CA LYS B 208 -7.90 -20.60 39.40
C LYS B 208 -7.23 -21.96 39.29
N PRO B 209 -7.04 -22.51 38.06
CA PRO B 209 -6.40 -23.86 37.97
C PRO B 209 -5.05 -23.98 38.66
N SER B 210 -4.28 -22.88 38.71
CA SER B 210 -2.98 -22.89 39.41
C SER B 210 -3.03 -22.19 40.77
N ASN B 211 -4.23 -21.79 41.21
CA ASN B 211 -4.42 -21.08 42.46
C ASN B 211 -3.44 -19.89 42.51
N THR B 212 -3.41 -19.14 41.40
CA THR B 212 -2.50 -18.00 41.23
C THR B 212 -3.33 -16.71 41.29
N LYS B 213 -2.87 -15.72 42.04
CA LYS B 213 -3.48 -14.37 42.01
C LYS B 213 -2.28 -13.41 42.03
N VAL B 214 -2.20 -12.55 41.03
CA VAL B 214 -1.06 -11.65 40.86
C VAL B 214 -1.61 -10.24 40.63
N ASP B 215 -1.11 -9.25 41.38
CA ASP B 215 -1.38 -7.84 41.08
C ASP B 215 -0.11 -7.24 40.46
N LYS B 216 -0.24 -6.48 39.38
CA LYS B 216 0.91 -5.79 38.79
C LYS B 216 0.60 -4.30 38.59
N ARG B 217 1.29 -3.44 39.34
CA ARG B 217 1.22 -1.99 39.09
C ARG B 217 2.00 -1.63 37.85
N VAL B 218 1.35 -0.99 36.88
CA VAL B 218 1.97 -0.73 35.60
C VAL B 218 2.60 0.63 35.58
N GLU B 219 3.92 0.66 35.44
CA GLU B 219 4.63 1.94 35.29
C GLU B 219 5.62 1.85 34.12
N PRO B 220 5.81 2.97 33.38
CA PRO B 220 6.92 3.12 32.41
C PRO B 220 8.27 2.65 32.98
N GLU C 1 -9.20 14.79 -32.73
CA GLU C 1 -7.84 14.39 -33.23
C GLU C 1 -7.62 12.89 -32.98
N THR C 2 -6.71 12.32 -33.75
CA THR C 2 -6.36 10.91 -33.61
C THR C 2 -5.41 10.79 -32.42
N VAL C 3 -5.75 9.87 -31.51
CA VAL C 3 -4.93 9.61 -30.32
C VAL C 3 -4.05 8.36 -30.53
N LEU C 4 -2.76 8.51 -30.23
CA LEU C 4 -1.83 7.38 -30.38
C LEU C 4 -1.42 6.93 -29.00
N THR C 5 -1.53 5.63 -28.73
CA THR C 5 -1.22 5.10 -27.42
C THR C 5 -0.06 4.14 -27.59
N GLN C 6 1.06 4.44 -26.97
CA GLN C 6 2.23 3.54 -27.08
C GLN C 6 2.30 2.55 -25.91
N SER C 7 2.86 1.38 -26.20
CA SER C 7 3.05 0.38 -25.16
CA SER C 7 3.02 0.33 -25.19
C SER C 7 4.33 -0.38 -25.46
N PRO C 8 5.02 -0.83 -24.39
CA PRO C 8 4.73 -0.55 -22.98
C PRO C 8 5.19 0.88 -22.65
N GLY C 9 4.78 1.41 -21.50
CA GLY C 9 5.23 2.75 -21.08
C GLY C 9 6.75 2.76 -20.91
N THR C 10 7.28 1.68 -20.33
CA THR C 10 8.71 1.52 -20.16
C THR C 10 9.07 0.12 -20.63
N LEU C 11 10.04 0.04 -21.53
CA LEU C 11 10.61 -1.24 -21.96
C LEU C 11 12.01 -1.40 -21.38
N SER C 12 12.25 -2.51 -20.67
CA SER C 12 13.49 -2.67 -19.92
C SER C 12 14.23 -3.86 -20.50
N LEU C 13 15.35 -3.61 -21.17
CA LEU C 13 16.04 -4.67 -21.88
C LEU C 13 17.56 -4.54 -21.78
N SER C 14 18.29 -5.56 -22.25
CA SER C 14 19.77 -5.52 -22.24
C SER C 14 20.33 -5.33 -23.64
N PRO C 15 21.53 -4.71 -23.78
CA PRO C 15 22.14 -4.69 -25.10
C PRO C 15 22.24 -6.12 -25.66
N GLY C 16 21.99 -6.25 -26.96
CA GLY C 16 21.98 -7.51 -27.67
C GLY C 16 20.60 -8.12 -27.81
N GLU C 17 19.63 -7.67 -27.02
CA GLU C 17 18.28 -8.21 -27.07
C GLU C 17 17.46 -7.52 -28.17
N ARG C 18 16.33 -8.14 -28.54
CA ARG C 18 15.39 -7.58 -29.50
C ARG C 18 14.35 -6.77 -28.75
N ALA C 19 14.04 -5.59 -29.29
CA ALA C 19 13.05 -4.70 -28.67
C ALA C 19 11.90 -4.59 -29.66
N THR C 20 10.70 -4.73 -29.13
CA THR C 20 9.45 -4.46 -29.85
C THR C 20 8.63 -3.37 -29.17
N LEU C 21 8.38 -2.30 -29.90
CA LEU C 21 7.60 -1.16 -29.40
C LEU C 21 6.32 -1.04 -30.22
N SER C 22 5.20 -0.78 -29.54
CA SER C 22 3.88 -0.76 -30.16
CA SER C 22 3.87 -0.77 -30.15
C SER C 22 3.25 0.62 -30.12
N CYS C 23 2.49 0.95 -31.16
CA CYS C 23 1.77 2.20 -31.23
C CYS C 23 0.38 1.81 -31.73
N ARG C 24 -0.66 2.15 -30.98
CA ARG C 24 -2.05 1.87 -31.43
C ARG C 24 -2.77 3.20 -31.63
N ALA C 25 -3.40 3.35 -32.79
CA ALA C 25 -4.14 4.57 -33.10
C ALA C 25 -5.63 4.42 -32.82
N SER C 26 -6.27 5.52 -32.45
CA SER C 26 -7.71 5.53 -32.13
C SER C 26 -8.56 5.42 -33.41
N GLN C 27 -7.93 5.64 -34.56
CA GLN C 27 -8.59 5.34 -35.84
C GLN C 27 -7.55 4.94 -36.88
N SER C 28 -8.01 4.33 -37.98
CA SER C 28 -7.11 3.80 -38.99
C SER C 28 -6.24 4.87 -39.61
N LEU C 29 -4.96 4.56 -39.74
CA LEU C 29 -3.97 5.43 -40.39
C LEU C 29 -3.58 4.91 -41.76
N GLY C 30 -4.17 3.79 -42.18
CA GLY C 30 -3.75 3.18 -43.45
C GLY C 30 -2.49 2.38 -43.25
N SER C 31 -1.69 2.25 -44.31
CA SER C 31 -0.45 1.50 -44.22
C SER C 31 0.69 2.50 -44.31
N SER C 32 0.33 3.78 -44.23
CA SER C 32 1.34 4.79 -44.21
CA SER C 32 1.31 4.83 -44.28
C SER C 32 0.99 5.82 -43.15
N TYR C 33 1.43 7.01 -43.33
CA TYR C 33 1.16 8.06 -42.40
C TYR C 33 1.53 7.80 -40.94
N LEU C 34 2.52 6.94 -40.69
CA LEU C 34 3.06 6.79 -39.34
C LEU C 34 4.57 6.84 -39.37
N ALA C 35 5.15 7.61 -38.46
CA ALA C 35 6.62 7.69 -38.34
C ALA C 35 7.06 7.38 -36.91
N TRP C 36 8.32 6.95 -36.75
CA TRP C 36 8.91 6.67 -35.44
C TRP C 36 10.11 7.58 -35.28
N TYR C 37 10.27 8.11 -34.05
CA TYR C 37 11.41 8.96 -33.67
C TYR C 37 12.08 8.43 -32.42
N GLN C 38 13.39 8.70 -32.30
CA GLN C 38 14.15 8.44 -31.08
C GLN C 38 14.46 9.79 -30.49
N GLN C 39 14.43 9.89 -29.15
CA GLN C 39 14.92 11.12 -28.54
C GLN C 39 15.77 10.84 -27.31
N LYS C 40 16.94 11.45 -27.28
CA LYS C 40 17.81 11.45 -26.09
C LYS C 40 17.76 12.78 -25.34
N PRO C 41 18.08 12.75 -24.03
CA PRO C 41 18.00 13.96 -23.21
C PRO C 41 18.78 15.09 -23.83
N GLY C 42 18.16 16.27 -23.91
CA GLY C 42 18.81 17.46 -24.43
C GLY C 42 18.98 17.55 -25.93
N GLN C 43 18.36 16.63 -26.67
CA GLN C 43 18.47 16.63 -28.12
C GLN C 43 17.11 16.67 -28.77
N ALA C 44 17.09 17.10 -30.02
CA ALA C 44 15.87 17.05 -30.84
C ALA C 44 15.53 15.58 -31.13
N PRO C 45 14.24 15.31 -31.43
CA PRO C 45 13.90 13.96 -31.97
C PRO C 45 14.64 13.68 -33.27
N ARG C 46 14.90 12.38 -33.52
CA ARG C 46 15.62 11.91 -34.69
C ARG C 46 14.70 10.92 -35.43
N LEU C 47 14.45 11.17 -36.71
CA LEU C 47 13.51 10.31 -37.48
C LEU C 47 14.18 8.96 -37.73
N LEU C 48 13.43 7.89 -37.46
CA LEU C 48 13.91 6.49 -37.67
C LEU C 48 13.19 5.85 -38.85
N ILE C 49 11.85 5.98 -38.86
CA ILE C 49 10.99 5.27 -39.83
C ILE C 49 9.93 6.25 -40.30
N TYR C 50 9.61 6.19 -41.59
CA TYR C 50 8.48 6.98 -42.14
C TYR C 50 7.63 6.03 -43.00
N GLY C 51 6.41 6.44 -43.32
CA GLY C 51 5.53 5.57 -44.15
C GLY C 51 5.31 4.22 -43.51
N ALA C 52 5.30 4.19 -42.17
CA ALA C 52 5.17 2.98 -41.32
C ALA C 52 6.32 1.99 -41.39
N SER C 53 6.92 1.83 -42.57
CA SER C 53 7.92 0.76 -42.79
C SER C 53 9.26 1.18 -43.40
N SER C 54 9.43 2.44 -43.79
CA SER C 54 10.61 2.89 -44.53
C SER C 54 11.67 3.49 -43.63
N ARG C 55 12.90 3.00 -43.69
CA ARG C 55 13.95 3.55 -42.84
C ARG C 55 14.44 4.90 -43.37
N ALA C 56 14.57 5.88 -42.48
CA ALA C 56 15.10 7.18 -42.86
C ALA C 56 16.58 7.09 -43.25
N PRO C 57 17.08 8.08 -44.00
CA PRO C 57 18.48 8.08 -44.42
C PRO C 57 19.45 7.90 -43.25
N GLY C 58 20.42 7.01 -43.43
CA GLY C 58 21.48 6.75 -42.43
C GLY C 58 21.10 5.96 -41.20
N ILE C 59 19.86 5.53 -41.10
CA ILE C 59 19.39 4.75 -39.96
C ILE C 59 19.86 3.30 -40.15
N PRO C 60 20.46 2.69 -39.12
CA PRO C 60 20.95 1.31 -39.30
C PRO C 60 19.86 0.26 -39.56
N ASP C 61 20.26 -0.84 -40.21
CA ASP C 61 19.39 -1.96 -40.55
C ASP C 61 18.64 -2.55 -39.38
N ARG C 62 19.18 -2.39 -38.16
CA ARG C 62 18.55 -3.03 -37.01
C ARG C 62 17.18 -2.45 -36.68
N PHE C 63 16.92 -1.24 -37.17
CA PHE C 63 15.60 -0.63 -37.00
C PHE C 63 14.65 -1.01 -38.14
N SER C 64 13.46 -1.45 -37.79
CA SER C 64 12.46 -1.71 -38.84
C SER C 64 11.07 -1.38 -38.30
N GLY C 65 10.14 -1.08 -39.21
CA GLY C 65 8.80 -0.69 -38.79
C GLY C 65 7.83 -1.54 -39.59
N SER C 66 6.70 -1.85 -38.96
CA SER C 66 5.67 -2.64 -39.61
C SER C 66 4.31 -2.27 -39.06
N GLY C 67 3.27 -2.82 -39.68
CA GLY C 67 1.94 -2.54 -39.23
C GLY C 67 1.07 -1.83 -40.26
N SER C 68 -0.21 -1.80 -40.00
CA SER C 68 -1.16 -1.07 -40.85
C SER C 68 -2.44 -0.87 -40.08
N GLY C 69 -3.31 0.01 -40.57
CA GLY C 69 -4.59 0.25 -39.91
C GLY C 69 -4.42 1.02 -38.61
N THR C 70 -4.67 0.34 -37.48
CA THR C 70 -4.52 0.96 -36.15
C THR C 70 -3.30 0.48 -35.37
N ASP C 71 -2.61 -0.55 -35.81
CA ASP C 71 -1.56 -1.17 -34.99
C ASP C 71 -0.22 -1.19 -35.69
N PHE C 72 0.77 -0.53 -35.07
CA PHE C 72 2.10 -0.36 -35.67
C PHE C 72 3.18 -0.78 -34.68
N THR C 73 4.30 -1.21 -35.23
CA THR C 73 5.37 -1.78 -34.42
C THR C 73 6.70 -1.28 -34.92
N LEU C 74 7.56 -0.88 -33.97
CA LEU C 74 8.96 -0.60 -34.26
C LEU C 74 9.74 -1.74 -33.62
N THR C 75 10.63 -2.33 -34.39
CA THR C 75 11.50 -3.42 -33.88
C THR C 75 12.97 -2.99 -33.98
N ILE C 76 13.75 -3.26 -32.94
CA ILE C 76 15.18 -3.08 -33.01
C ILE C 76 15.72 -4.50 -32.81
N SER C 77 16.32 -5.07 -33.84
CA SER C 77 16.63 -6.50 -33.90
C SER C 77 17.64 -6.90 -32.85
N ARG C 78 18.59 -6.01 -32.57
CA ARG C 78 19.68 -6.35 -31.63
C ARG C 78 20.12 -5.01 -31.01
N LEU C 79 19.72 -4.78 -29.78
CA LEU C 79 19.94 -3.44 -29.13
C LEU C 79 21.41 -3.09 -28.96
N GLU C 80 21.77 -1.87 -29.32
CA GLU C 80 23.06 -1.30 -28.96
C GLU C 80 22.88 -0.39 -27.75
N PRO C 81 23.93 -0.21 -26.92
CA PRO C 81 23.88 0.80 -25.85
C PRO C 81 23.32 2.18 -26.29
N GLU C 82 23.68 2.63 -27.48
CA GLU C 82 23.20 3.95 -27.96
C GLU C 82 21.71 3.99 -28.30
N ASP C 83 21.05 2.84 -28.30
CA ASP C 83 19.60 2.77 -28.59
C ASP C 83 18.70 3.03 -27.37
N PHE C 84 19.27 3.10 -26.17
CA PHE C 84 18.43 3.31 -25.01
C PHE C 84 18.13 4.81 -24.94
N ALA C 85 16.84 5.10 -25.04
CA ALA C 85 16.32 6.45 -25.29
C ALA C 85 14.81 6.41 -25.18
N VAL C 86 14.13 7.54 -25.43
CA VAL C 86 12.68 7.54 -25.48
C VAL C 86 12.27 7.50 -26.95
N TYR C 87 11.20 6.77 -27.24
CA TYR C 87 10.74 6.60 -28.62
C TYR C 87 9.32 7.10 -28.74
N TYR C 88 9.06 7.84 -29.80
CA TYR C 88 7.73 8.34 -30.08
C TYR C 88 7.24 7.89 -31.46
N CYS C 89 5.94 7.56 -31.54
CA CYS C 89 5.31 7.47 -32.86
C CYS C 89 4.58 8.78 -33.18
N GLN C 90 4.37 9.00 -34.46
CA GLN C 90 3.71 10.21 -34.98
C GLN C 90 2.78 9.80 -36.10
N GLN C 91 1.53 10.28 -36.10
CA GLN C 91 0.66 9.99 -37.24
C GLN C 91 0.49 11.26 -38.04
N TYR C 92 0.36 11.11 -39.36
CA TYR C 92 0.10 12.26 -40.20
C TYR C 92 -0.93 11.93 -41.26
N ALA C 93 -1.94 11.16 -40.84
CA ALA C 93 -3.04 10.78 -41.76
C ALA C 93 -4.05 11.90 -41.83
N ASP C 94 -4.14 12.66 -40.76
CA ASP C 94 -5.00 13.85 -40.80
C ASP C 94 -4.52 14.89 -39.82
N SER C 95 -5.08 16.09 -39.93
CA SER C 95 -4.64 17.18 -39.06
C SER C 95 -5.57 17.22 -37.83
N PRO C 96 -5.02 17.48 -36.62
CA PRO C 96 -3.58 17.81 -36.39
C PRO C 96 -2.72 16.55 -36.35
N ILE C 97 -1.48 16.73 -36.74
CA ILE C 97 -0.45 15.70 -36.46
C ILE C 97 -0.45 15.48 -34.93
N THR C 98 -0.35 14.22 -34.52
CA THR C 98 -0.26 13.86 -33.11
C THR C 98 0.84 12.81 -32.90
N PHE C 99 1.36 12.80 -31.68
CA PHE C 99 2.39 11.85 -31.25
C PHE C 99 1.84 10.97 -30.13
N GLY C 100 2.42 9.77 -29.98
CA GLY C 100 2.17 8.96 -28.83
C GLY C 100 2.90 9.56 -27.63
N GLN C 101 2.60 9.04 -26.45
CA GLN C 101 3.10 9.62 -25.19
C GLN C 101 4.54 9.22 -24.90
N GLY C 102 5.09 8.33 -25.74
CA GLY C 102 6.49 7.87 -25.63
C GLY C 102 6.64 6.55 -24.90
N THR C 103 7.64 5.78 -25.31
CA THR C 103 8.06 4.58 -24.61
C THR C 103 9.49 4.81 -24.16
N ARG C 104 9.76 4.62 -22.88
CA ARG C 104 11.11 4.75 -22.34
C ARG C 104 11.78 3.38 -22.51
N LEU C 105 12.80 3.31 -23.36
CA LEU C 105 13.60 2.09 -23.51
C LEU C 105 14.82 2.28 -22.64
N GLU C 106 14.85 1.53 -21.53
CA GLU C 106 15.91 1.67 -20.52
C GLU C 106 16.69 0.36 -20.38
N ILE C 107 17.84 0.45 -19.73
CA ILE C 107 18.68 -0.75 -19.47
C ILE C 107 18.10 -1.50 -18.28
N LYS C 108 17.92 -2.81 -18.44
CA LYS C 108 17.44 -3.65 -17.34
C LYS C 108 18.62 -4.03 -16.46
N ARG C 109 18.39 -4.03 -15.16
CA ARG C 109 19.37 -4.49 -14.17
C ARG C 109 18.58 -5.07 -13.00
N THR C 110 19.28 -5.67 -12.03
CA THR C 110 18.63 -6.22 -10.85
C THR C 110 17.97 -5.11 -10.06
N VAL C 111 16.89 -5.46 -9.37
CA VAL C 111 16.18 -4.55 -8.49
C VAL C 111 17.15 -4.01 -7.42
N ALA C 112 17.06 -2.71 -7.19
CA ALA C 112 17.90 -2.04 -6.19
C ALA C 112 17.02 -1.09 -5.44
N ALA C 113 16.90 -1.32 -4.14
CA ALA C 113 16.15 -0.43 -3.27
C ALA C 113 16.88 0.89 -3.13
N PRO C 114 16.15 2.00 -3.02
CA PRO C 114 16.86 3.27 -2.81
C PRO C 114 17.45 3.35 -1.40
N SER C 115 18.57 4.06 -1.25
CA SER C 115 18.96 4.55 0.07
C SER C 115 18.24 5.87 0.23
N VAL C 116 17.62 6.07 1.38
CA VAL C 116 16.71 7.22 1.60
C VAL C 116 17.26 8.11 2.71
N PHE C 117 17.21 9.42 2.48
CA PHE C 117 17.78 10.42 3.39
C PHE C 117 16.83 11.60 3.47
N ILE C 118 16.63 12.14 4.68
CA ILE C 118 15.82 13.35 4.86
C ILE C 118 16.74 14.45 5.43
N PHE C 119 16.52 15.67 4.97
CA PHE C 119 17.36 16.80 5.35
C PHE C 119 16.46 17.89 5.89
N PRO C 120 16.70 18.34 7.13
CA PRO C 120 15.89 19.44 7.70
C PRO C 120 16.25 20.76 7.03
N PRO C 121 15.38 21.79 7.13
CA PRO C 121 15.78 23.10 6.63
C PRO C 121 16.93 23.66 7.45
N SER C 122 17.77 24.49 6.83
CA SER C 122 18.90 25.07 7.53
C SER C 122 18.44 26.28 8.31
N ASP C 123 19.18 26.67 9.35
CA ASP C 123 18.86 27.90 10.08
C ASP C 123 18.95 29.12 9.18
N GLU C 124 19.92 29.13 8.26
CA GLU C 124 20.04 30.25 7.33
C GLU C 124 18.78 30.41 6.49
N GLN C 125 18.22 29.31 5.98
CA GLN C 125 16.98 29.46 5.22
C GLN C 125 15.88 30.01 6.11
N LEU C 126 15.75 29.45 7.31
CA LEU C 126 14.65 29.75 8.21
C LEU C 126 14.60 31.24 8.53
N LYS C 127 15.77 31.84 8.69
CA LYS C 127 15.79 33.27 9.00
C LYS C 127 15.23 34.17 7.89
N SER C 128 14.86 33.57 6.76
CA SER C 128 14.15 34.30 5.70
C SER C 128 12.66 33.94 5.49
N GLY C 129 12.10 33.14 6.38
CA GLY C 129 10.65 32.92 6.38
C GLY C 129 10.11 31.76 5.55
N THR C 130 11.01 30.95 4.99
CA THR C 130 10.63 29.75 4.25
C THR C 130 11.41 28.54 4.80
N ALA C 131 10.80 27.38 4.74
CA ALA C 131 11.48 26.17 5.18
C ALA C 131 11.31 25.14 4.07
N SER C 132 12.45 24.62 3.58
CA SER C 132 12.41 23.54 2.61
C SER C 132 12.92 22.29 3.28
N VAL C 133 12.19 21.20 3.10
CA VAL C 133 12.59 19.90 3.64
C VAL C 133 12.84 19.03 2.43
N VAL C 134 13.95 18.29 2.42
CA VAL C 134 14.35 17.56 1.23
C VAL C 134 14.48 16.08 1.56
N CYS C 135 13.98 15.26 0.64
CA CYS C 135 14.12 13.81 0.74
C CYS C 135 14.83 13.31 -0.51
N LEU C 136 15.86 12.48 -0.30
CA LEU C 136 16.68 11.92 -1.36
C LEU C 136 16.48 10.41 -1.41
N LEU C 137 16.16 9.90 -2.59
CA LEU C 137 16.11 8.47 -2.90
C LEU C 137 17.29 8.20 -3.83
N ASN C 138 18.27 7.46 -3.36
CA ASN C 138 19.53 7.34 -4.06
C ASN C 138 19.70 5.95 -4.71
N ASN C 139 20.05 5.93 -6.00
CA ASN C 139 20.55 4.73 -6.71
C ASN C 139 19.61 3.53 -6.66
N PHE C 140 18.41 3.74 -7.20
CA PHE C 140 17.40 2.70 -7.19
C PHE C 140 17.04 2.21 -8.60
N TYR C 141 16.44 1.03 -8.66
CA TYR C 141 15.97 0.46 -9.94
C TYR C 141 14.86 -0.54 -9.57
N PRO C 142 13.71 -0.54 -10.28
CA PRO C 142 13.37 0.27 -11.46
C PRO C 142 12.98 1.71 -11.13
N ARG C 143 12.52 2.44 -12.13
CA ARG C 143 12.35 3.88 -12.02
C ARG C 143 11.17 4.33 -11.18
N GLU C 144 10.13 3.49 -11.11
CA GLU C 144 8.90 3.79 -10.37
CA GLU C 144 8.92 3.84 -10.38
C GLU C 144 9.14 3.84 -8.86
N ALA C 145 8.83 4.96 -8.24
CA ALA C 145 8.98 5.15 -6.80
C ALA C 145 7.91 6.16 -6.39
N LYS C 146 7.44 6.06 -5.15
CA LYS C 146 6.43 6.98 -4.66
C LYS C 146 6.95 7.58 -3.36
N VAL C 147 6.99 8.90 -3.30
CA VAL C 147 7.34 9.63 -2.09
C VAL C 147 6.09 10.28 -1.49
N GLN C 148 5.85 10.07 -0.20
CA GLN C 148 4.78 10.77 0.51
C GLN C 148 5.39 11.50 1.68
N TRP C 149 5.03 12.77 1.77
CA TRP C 149 5.43 13.63 2.87
C TRP C 149 4.36 13.63 3.95
N LYS C 150 4.79 13.50 5.19
CA LYS C 150 3.91 13.61 6.37
C LYS C 150 4.45 14.65 7.34
N VAL C 151 3.55 15.50 7.83
CA VAL C 151 3.86 16.47 8.88
C VAL C 151 2.92 16.17 10.06
N ASP C 152 3.49 15.74 11.19
CA ASP C 152 2.75 15.20 12.35
C ASP C 152 1.69 14.20 11.90
N ASN C 153 2.13 13.23 11.09
CA ASN C 153 1.26 12.18 10.51
C ASN C 153 0.17 12.66 9.51
N ALA C 154 0.08 13.96 9.29
CA ALA C 154 -0.78 14.48 8.24
C ALA C 154 -0.10 14.30 6.89
N LEU C 155 -0.73 13.53 6.02
CA LEU C 155 -0.26 13.34 4.65
C LEU C 155 -0.36 14.66 3.91
N GLN C 156 0.76 15.10 3.36
CA GLN C 156 0.82 16.37 2.62
C GLN C 156 0.44 16.17 1.17
N SER C 157 -0.06 17.24 0.55
CA SER C 157 -0.23 17.26 -0.90
C SER C 157 -0.20 18.70 -1.40
N GLY C 158 0.20 18.87 -2.66
CA GLY C 158 0.23 20.18 -3.28
C GLY C 158 1.41 21.08 -2.93
N ASN C 159 2.21 20.70 -1.93
CA ASN C 159 3.30 21.57 -1.47
C ASN C 159 4.69 20.96 -1.66
N SER C 160 4.80 20.04 -2.61
CA SER C 160 6.08 19.40 -2.92
C SER C 160 6.35 19.32 -4.43
N GLN C 161 7.64 19.32 -4.79
CA GLN C 161 8.05 19.12 -6.17
C GLN C 161 9.20 18.12 -6.16
N GLU C 162 9.34 17.39 -7.25
CA GLU C 162 10.42 16.39 -7.31
C GLU C 162 11.01 16.35 -8.70
N SER C 163 12.23 15.80 -8.80
CA SER C 163 12.81 15.55 -10.08
C SER C 163 13.68 14.32 -9.98
N VAL C 164 13.97 13.75 -11.13
CA VAL C 164 14.65 12.44 -11.25
C VAL C 164 15.83 12.55 -12.19
N THR C 165 16.93 11.85 -11.92
CA THR C 165 18.09 11.91 -12.80
C THR C 165 17.86 10.97 -13.97
N GLU C 166 18.65 11.12 -15.02
CA GLU C 166 18.64 10.20 -16.14
C GLU C 166 19.27 8.91 -15.66
N GLN C 167 18.90 7.78 -16.26
CA GLN C 167 19.49 6.50 -15.85
C GLN C 167 21.02 6.56 -15.94
N ASP C 168 21.68 6.11 -14.87
CA ASP C 168 23.15 6.25 -14.77
C ASP C 168 23.83 5.37 -15.84
N SER C 169 24.80 5.93 -16.57
CA SER C 169 25.39 5.16 -17.66
C SER C 169 26.27 4.00 -17.18
N LYS C 170 26.63 4.01 -15.90
CA LYS C 170 27.48 2.94 -15.35
C LYS C 170 26.73 1.90 -14.52
N ASP C 171 25.85 2.35 -13.64
CA ASP C 171 25.17 1.40 -12.76
C ASP C 171 23.68 1.19 -13.05
N SER C 172 23.19 1.91 -14.05
CA SER C 172 21.82 1.74 -14.56
C SER C 172 20.71 2.07 -13.54
N THR C 173 21.06 2.87 -12.51
CA THR C 173 20.07 3.25 -11.51
C THR C 173 19.54 4.67 -11.77
N TYR C 174 18.52 5.03 -11.00
CA TYR C 174 17.95 6.38 -10.95
C TYR C 174 18.06 6.95 -9.54
N SER C 175 17.98 8.29 -9.42
CA SER C 175 17.90 8.91 -8.11
C SER C 175 16.81 9.97 -8.21
N LEU C 176 16.21 10.30 -7.08
CA LEU C 176 15.07 11.26 -7.06
C LEU C 176 15.24 12.21 -5.87
N SER C 177 14.90 13.48 -6.06
CA SER C 177 14.96 14.44 -4.97
C SER C 177 13.56 15.03 -4.88
N SER C 178 13.00 15.08 -3.67
CA SER C 178 11.67 15.75 -3.45
C SER C 178 11.86 16.87 -2.44
N THR C 179 11.24 18.03 -2.68
CA THR C 179 11.34 19.15 -1.76
C THR C 179 9.93 19.53 -1.32
N LEU C 180 9.73 19.51 -0.01
CA LEU C 180 8.51 20.03 0.63
C LEU C 180 8.78 21.47 1.05
N THR C 181 7.93 22.39 0.60
CA THR C 181 8.12 23.80 0.91
C THR C 181 7.00 24.29 1.82
N LEU C 182 7.38 24.93 2.93
CA LEU C 182 6.41 25.46 3.89
C LEU C 182 6.86 26.83 4.33
N SER C 183 5.91 27.68 4.76
CA SER C 183 6.30 28.93 5.39
C SER C 183 6.97 28.56 6.72
N LYS C 184 7.85 29.45 7.19
CA LYS C 184 8.48 29.32 8.50
C LYS C 184 7.43 29.21 9.60
N ALA C 185 6.38 30.03 9.52
CA ALA C 185 5.25 29.98 10.45
C ALA C 185 4.68 28.57 10.57
N ASP C 186 4.28 27.98 9.45
CA ASP C 186 3.75 26.60 9.42
C ASP C 186 4.77 25.57 9.90
N TYR C 187 6.02 25.70 9.41
CA TYR C 187 7.08 24.79 9.82
C TYR C 187 7.17 24.71 11.33
N GLU C 188 7.11 25.86 11.99
CA GLU C 188 7.25 25.91 13.45
C GLU C 188 5.98 25.47 14.21
N LYS C 189 4.86 25.38 13.49
CA LYS C 189 3.62 24.85 14.08
C LYS C 189 3.71 23.34 14.37
N HIS C 190 4.69 22.66 13.80
CA HIS C 190 4.71 21.20 13.85
C HIS C 190 6.02 20.60 14.31
N LYS C 191 5.98 19.31 14.67
CA LYS C 191 7.13 18.66 15.23
C LYS C 191 7.80 17.64 14.29
N VAL C 192 7.02 16.65 13.83
CA VAL C 192 7.60 15.47 13.17
C VAL C 192 7.45 15.57 11.66
N TYR C 193 8.60 15.55 10.97
CA TYR C 193 8.63 15.67 9.52
C TYR C 193 9.11 14.35 8.95
N ALA C 194 8.35 13.79 8.01
CA ALA C 194 8.69 12.44 7.55
C ALA C 194 8.50 12.26 6.05
N CYS C 195 9.41 11.49 5.45
CA CYS C 195 9.20 11.09 4.06
CA CYS C 195 9.31 11.11 4.05
C CYS C 195 9.14 9.59 3.96
N GLU C 196 8.04 9.12 3.38
CA GLU C 196 7.74 7.70 3.21
C GLU C 196 7.96 7.30 1.75
N VAL C 197 8.77 6.26 1.53
CA VAL C 197 9.16 5.86 0.19
C VAL C 197 8.68 4.45 -0.10
N THR C 198 7.97 4.31 -1.22
CA THR C 198 7.51 3.00 -1.69
C THR C 198 8.24 2.63 -2.96
N HIS C 199 8.83 1.44 -2.99
CA HIS C 199 9.60 1.00 -4.16
C HIS C 199 9.67 -0.53 -4.15
N GLN C 200 9.68 -1.11 -5.34
CA GLN C 200 9.74 -2.56 -5.54
C GLN C 200 10.87 -3.27 -4.76
N GLY C 201 12.00 -2.57 -4.56
CA GLY C 201 13.16 -3.14 -3.85
C GLY C 201 12.98 -3.18 -2.33
N LEU C 202 11.91 -2.54 -1.86
CA LEU C 202 11.60 -2.45 -0.45
C LEU C 202 10.44 -3.39 -0.09
N SER C 203 10.67 -4.32 0.81
CA SER C 203 9.61 -5.25 1.24
C SER C 203 8.39 -4.53 1.85
N SER C 204 8.64 -3.36 2.43
CA SER C 204 7.57 -2.45 2.86
C SER C 204 8.14 -1.04 2.81
N PRO C 205 7.27 -0.02 2.71
CA PRO C 205 7.74 1.36 2.60
C PRO C 205 8.71 1.75 3.72
N VAL C 206 9.72 2.54 3.35
CA VAL C 206 10.70 3.05 4.30
C VAL C 206 10.36 4.52 4.64
N THR C 207 10.41 4.86 5.92
CA THR C 207 10.19 6.24 6.36
C THR C 207 11.45 6.79 7.02
N LYS C 208 11.85 7.99 6.62
CA LYS C 208 12.92 8.72 7.32
C LYS C 208 12.27 9.96 7.89
N SER C 209 12.60 10.28 9.14
CA SER C 209 11.94 11.35 9.87
CA SER C 209 11.93 11.34 9.89
C SER C 209 12.92 12.14 10.73
N PHE C 210 12.53 13.36 11.08
CA PHE C 210 13.22 14.13 12.11
C PHE C 210 12.19 14.92 12.94
N ASN C 211 12.58 15.29 14.16
CA ASN C 211 11.78 16.19 15.01
C ASN C 211 12.37 17.59 14.95
N ARG C 212 11.56 18.58 14.56
CA ARG C 212 12.00 19.97 14.54
C ARG C 212 12.38 20.36 15.94
N GLY C 213 13.49 21.06 16.09
CA GLY C 213 13.92 21.51 17.42
C GLY C 213 14.99 20.62 18.00
N GLU C 214 15.11 19.43 17.42
CA GLU C 214 16.24 18.55 17.69
C GLU C 214 17.10 18.52 16.43
N CYS C 215 16.72 19.31 15.44
CA CYS C 215 17.45 19.37 14.16
C CYS C 215 17.62 20.78 13.60
N GLN D 1 25.79 20.07 -45.65
CA GLN D 1 25.65 20.57 -44.29
C GLN D 1 24.27 21.17 -44.05
N VAL D 2 23.23 20.36 -44.28
CA VAL D 2 21.85 20.81 -44.10
C VAL D 2 21.66 21.15 -42.62
N GLN D 3 21.15 22.36 -42.36
CA GLN D 3 21.02 22.83 -40.99
C GLN D 3 19.83 23.76 -40.81
N LEU D 4 19.19 23.64 -39.65
CA LEU D 4 18.14 24.58 -39.22
C LEU D 4 18.63 25.17 -37.90
N VAL D 5 18.86 26.48 -37.92
CA VAL D 5 19.43 27.20 -36.77
C VAL D 5 18.42 28.15 -36.17
N GLN D 6 18.04 27.92 -34.92
CA GLN D 6 16.98 28.71 -34.27
C GLN D 6 17.56 29.82 -33.43
N SER D 7 16.71 30.78 -33.11
CA SER D 7 17.14 31.90 -32.26
C SER D 7 17.28 31.44 -30.79
N GLY D 8 17.86 32.31 -29.95
CA GLY D 8 18.18 31.89 -28.60
C GLY D 8 17.03 31.84 -27.61
N ALA D 9 17.33 31.36 -26.41
CA ALA D 9 16.36 31.22 -25.31
C ALA D 9 15.64 32.52 -25.03
N GLU D 10 14.36 32.43 -24.68
CA GLU D 10 13.49 33.59 -24.40
C GLU D 10 12.85 33.47 -23.03
N VAL D 11 12.66 34.63 -22.38
CA VAL D 11 11.88 34.70 -21.16
C VAL D 11 10.81 35.76 -21.39
N LYS D 12 9.57 35.40 -21.10
CA LYS D 12 8.43 36.30 -21.29
C LYS D 12 7.48 36.22 -20.12
N LYS D 13 6.84 37.34 -19.76
CA LYS D 13 5.92 37.31 -18.67
C LYS D 13 4.56 36.72 -19.09
N PRO D 14 3.80 36.18 -18.15
CA PRO D 14 2.48 35.66 -18.50
C PRO D 14 1.63 36.75 -19.19
N GLY D 15 0.88 36.36 -20.23
CA GLY D 15 0.10 37.33 -21.01
C GLY D 15 0.80 37.96 -22.19
N SER D 16 2.13 37.85 -22.24
CA SER D 16 2.93 38.43 -23.28
C SER D 16 3.00 37.49 -24.48
N SER D 17 3.92 37.79 -25.38
CA SER D 17 4.06 37.01 -26.61
C SER D 17 5.53 36.82 -26.96
N VAL D 18 5.80 35.81 -27.78
CA VAL D 18 7.18 35.45 -28.11
C VAL D 18 7.23 35.15 -29.61
N LYS D 19 8.37 35.46 -30.24
CA LYS D 19 8.60 35.11 -31.63
C LYS D 19 9.95 34.42 -31.73
N VAL D 20 9.94 33.22 -32.30
CA VAL D 20 11.16 32.40 -32.46
C VAL D 20 11.44 32.28 -33.96
N SER D 21 12.71 32.33 -34.37
CA SER D 21 13.06 32.21 -35.77
C SER D 21 13.80 30.90 -36.00
N CYS D 22 13.83 30.49 -37.26
CA CYS D 22 14.47 29.25 -37.69
C CYS D 22 15.03 29.53 -39.07
N LYS D 23 16.36 29.56 -39.18
CA LYS D 23 17.04 29.85 -40.44
C LYS D 23 17.58 28.55 -41.04
N ALA D 24 17.16 28.26 -42.27
CA ALA D 24 17.61 27.06 -42.98
C ALA D 24 18.81 27.40 -43.84
N SER D 25 19.80 26.51 -43.88
CA SER D 25 20.91 26.68 -44.80
C SER D 25 21.38 25.31 -45.26
N GLY D 26 22.14 25.27 -46.35
CA GLY D 26 22.75 24.01 -46.80
C GLY D 26 21.79 23.08 -47.53
N TYR D 27 20.58 23.52 -47.82
CA TYR D 27 19.65 22.70 -48.60
C TYR D 27 19.93 22.88 -50.10
N THR D 28 20.08 21.78 -50.82
CA THR D 28 20.21 21.88 -52.28
C THR D 28 18.92 22.45 -52.86
N PHE D 29 17.78 21.94 -52.39
CA PHE D 29 16.48 22.51 -52.72
C PHE D 29 15.77 22.91 -51.42
N SER D 30 15.28 24.15 -51.35
CA SER D 30 14.60 24.62 -50.14
C SER D 30 13.40 23.73 -49.85
N SER D 31 13.14 23.48 -48.56
CA SER D 31 12.06 22.57 -48.14
CA SER D 31 12.06 22.58 -48.11
C SER D 31 10.69 23.10 -48.52
N ASN D 32 9.80 22.20 -48.93
CA ASN D 32 8.41 22.67 -49.18
C ASN D 32 7.72 23.21 -47.93
N VAL D 33 7.97 22.54 -46.80
CA VAL D 33 7.24 22.79 -45.55
C VAL D 33 8.19 22.81 -44.36
N ILE D 34 8.04 23.81 -43.50
CA ILE D 34 8.68 23.80 -42.17
C ILE D 34 7.58 23.65 -41.12
N SER D 35 7.74 22.67 -40.25
CA SER D 35 6.80 22.40 -39.16
C SER D 35 7.38 22.93 -37.84
N TRP D 36 6.50 23.24 -36.89
CA TRP D 36 6.87 23.62 -35.54
C TRP D 36 6.25 22.67 -34.54
N VAL D 37 7.11 22.18 -33.63
CA VAL D 37 6.74 21.19 -32.63
C VAL D 37 7.30 21.65 -31.29
N ARG D 38 6.54 21.53 -30.22
CA ARG D 38 7.10 21.91 -28.89
C ARG D 38 7.10 20.75 -27.89
N GLN D 39 7.87 20.92 -26.81
CA GLN D 39 7.95 19.91 -25.82
C GLN D 39 8.19 20.60 -24.47
N ALA D 40 7.18 20.53 -23.60
CA ALA D 40 7.29 21.03 -22.21
C ALA D 40 8.27 20.12 -21.47
N PRO D 41 9.03 20.67 -20.50
CA PRO D 41 10.08 19.83 -19.87
C PRO D 41 9.53 18.56 -19.26
N GLY D 42 10.14 17.42 -19.62
CA GLY D 42 9.70 16.12 -19.13
C GLY D 42 8.44 15.56 -19.78
N GLN D 43 7.87 16.28 -20.75
CA GLN D 43 6.62 15.86 -21.39
C GLN D 43 6.85 15.39 -22.83
N GLY D 44 5.76 15.11 -23.54
CA GLY D 44 5.81 14.63 -24.92
C GLY D 44 5.84 15.71 -25.97
N LEU D 45 5.67 15.30 -27.23
CA LEU D 45 5.85 16.19 -28.36
C LEU D 45 4.47 16.66 -28.78
N GLU D 46 4.38 17.94 -29.14
CA GLU D 46 3.11 18.60 -29.54
C GLU D 46 3.31 19.38 -30.83
N TRP D 47 2.65 18.96 -31.92
CA TRP D 47 2.79 19.67 -33.17
C TRP D 47 1.91 20.92 -33.13
N MET D 48 2.47 22.03 -33.56
CA MET D 48 1.78 23.31 -33.55
C MET D 48 1.20 23.74 -34.89
N GLY D 49 1.88 23.42 -35.97
CA GLY D 49 1.51 23.90 -37.29
C GLY D 49 2.70 23.86 -38.19
N GLY D 50 2.51 24.35 -39.39
CA GLY D 50 3.57 24.48 -40.36
C GLY D 50 3.34 25.60 -41.32
N VAL D 51 4.32 25.84 -42.17
CA VAL D 51 4.19 26.83 -43.22
C VAL D 51 4.88 26.34 -44.49
N ILE D 52 4.30 26.70 -45.62
CA ILE D 52 4.90 26.49 -46.94
C ILE D 52 5.53 27.80 -47.37
N PRO D 53 6.86 27.92 -47.23
CA PRO D 53 7.51 29.22 -47.49
C PRO D 53 7.26 29.85 -48.87
N ILE D 54 7.20 29.04 -49.94
CA ILE D 54 7.12 29.62 -51.28
C ILE D 54 5.82 30.42 -51.50
N VAL D 55 4.74 30.01 -50.84
CA VAL D 55 3.46 30.77 -50.92
C VAL D 55 3.10 31.44 -49.58
N ASP D 56 3.91 31.19 -48.53
CA ASP D 56 3.68 31.72 -47.18
C ASP D 56 2.28 31.37 -46.71
N ILE D 57 1.91 30.10 -46.87
CA ILE D 57 0.64 29.63 -46.35
C ILE D 57 0.90 28.72 -45.16
N ALA D 58 0.31 29.09 -44.03
CA ALA D 58 0.47 28.33 -42.78
C ALA D 58 -0.73 27.43 -42.52
N ASN D 59 -0.49 26.35 -41.79
CA ASN D 59 -1.58 25.53 -41.21
C ASN D 59 -1.33 25.28 -39.75
N TYR D 60 -2.39 25.07 -38.98
CA TYR D 60 -2.30 25.10 -37.52
C TYR D 60 -3.09 24.00 -36.86
N ALA D 61 -2.59 23.56 -35.71
CA ALA D 61 -3.33 22.70 -34.81
C ALA D 61 -4.45 23.53 -34.20
N GLN D 62 -5.68 23.01 -34.22
CA GLN D 62 -6.82 23.77 -33.67
C GLN D 62 -6.63 24.33 -32.27
N ARG D 63 -5.95 23.59 -31.41
CA ARG D 63 -5.76 24.08 -30.05
C ARG D 63 -4.88 25.34 -29.96
N PHE D 64 -4.15 25.66 -31.02
CA PHE D 64 -3.33 26.89 -31.07
C PHE D 64 -3.83 27.95 -32.06
N LYS D 65 -4.80 27.57 -32.90
CA LYS D 65 -5.37 28.52 -33.84
C LYS D 65 -5.82 29.79 -33.06
N GLY D 66 -5.41 30.94 -33.55
CA GLY D 66 -5.86 32.18 -32.94
C GLY D 66 -4.84 32.69 -31.94
N ARG D 67 -3.86 31.85 -31.62
CA ARG D 67 -2.82 32.22 -30.65
C ARG D 67 -1.41 32.04 -31.23
N VAL D 68 -1.29 31.13 -32.20
CA VAL D 68 -0.04 30.94 -32.92
CA VAL D 68 -0.05 30.90 -32.95
C VAL D 68 -0.09 31.52 -34.35
N THR D 69 1.01 32.12 -34.77
CA THR D 69 1.16 32.61 -36.12
C THR D 69 2.49 32.10 -36.63
N ILE D 70 2.49 31.36 -37.75
CA ILE D 70 3.73 30.91 -38.38
C ILE D 70 3.93 31.59 -39.72
N THR D 71 5.06 32.23 -39.89
CA THR D 71 5.33 32.97 -41.13
C THR D 71 6.64 32.59 -41.76
N ALA D 72 6.80 32.95 -43.04
CA ALA D 72 8.01 32.63 -43.78
C ALA D 72 8.57 33.84 -44.47
N ASP D 73 9.89 33.98 -44.40
CA ASP D 73 10.61 34.93 -45.25
C ASP D 73 11.49 34.10 -46.18
N GLU D 74 10.94 33.79 -47.35
CA GLU D 74 11.59 32.88 -48.29
C GLU D 74 12.92 33.49 -48.75
N SER D 75 13.01 34.83 -48.77
CA SER D 75 14.20 35.55 -49.23
C SER D 75 15.42 35.40 -48.32
N THR D 76 15.18 35.05 -47.04
CA THR D 76 16.27 34.80 -46.10
C THR D 76 16.24 33.33 -45.62
N SER D 77 15.41 32.51 -46.27
CA SER D 77 15.23 31.11 -45.87
C SER D 77 14.91 31.01 -44.39
N THR D 78 14.13 31.96 -43.86
CA THR D 78 13.76 31.95 -42.45
C THR D 78 12.26 31.80 -42.24
N THR D 79 11.87 31.06 -41.21
CA THR D 79 10.48 31.00 -40.75
C THR D 79 10.41 31.42 -39.29
N TYR D 80 9.22 31.84 -38.87
CA TYR D 80 9.01 32.40 -37.54
C TYR D 80 7.78 31.78 -36.92
N MET D 81 7.82 31.55 -35.63
CA MET D 81 6.68 31.06 -34.89
C MET D 81 6.43 32.10 -33.82
N GLU D 82 5.27 32.74 -33.87
CA GLU D 82 4.89 33.72 -32.84
C GLU D 82 3.74 33.16 -32.02
N LEU D 83 3.87 33.19 -30.70
CA LEU D 83 2.86 32.64 -29.79
C LEU D 83 2.45 33.73 -28.78
N SER D 84 1.16 34.03 -28.71
CA SER D 84 0.67 35.16 -27.91
C SER D 84 -0.12 34.68 -26.70
N SER D 85 -0.54 35.61 -25.83
CA SER D 85 -1.22 35.25 -24.57
C SER D 85 -0.55 34.13 -23.78
N LEU D 86 0.74 34.27 -23.54
CA LEU D 86 1.54 33.20 -22.89
C LEU D 86 1.05 32.83 -21.48
N ARG D 87 1.00 31.53 -21.20
CA ARG D 87 0.64 31.00 -19.89
C ARG D 87 1.75 30.02 -19.48
N SER D 88 1.73 29.59 -18.21
CA SER D 88 2.74 28.63 -17.69
C SER D 88 2.89 27.39 -18.54
N GLU D 89 1.78 26.92 -19.07
CA GLU D 89 1.76 25.73 -19.88
C GLU D 89 2.54 25.91 -21.19
N ASP D 90 2.90 27.16 -21.52
CA ASP D 90 3.67 27.40 -22.74
C ASP D 90 5.20 27.33 -22.56
N THR D 91 5.65 27.11 -21.33
CA THR D 91 7.08 26.95 -21.08
C THR D 91 7.49 25.61 -21.68
N ALA D 92 8.42 25.65 -22.63
CA ALA D 92 8.70 24.47 -23.46
C ALA D 92 9.88 24.76 -24.34
N VAL D 93 10.45 23.72 -24.92
CA VAL D 93 11.39 23.91 -26.02
C VAL D 93 10.60 23.84 -27.33
N TYR D 94 10.83 24.82 -28.19
CA TYR D 94 10.13 24.97 -29.47
C TYR D 94 11.10 24.57 -30.56
N TYR D 95 10.74 23.57 -31.36
CA TYR D 95 11.56 23.12 -32.48
C TYR D 95 10.96 23.48 -33.82
N CYS D 96 11.78 23.87 -34.78
CA CYS D 96 11.37 23.82 -36.19
C CYS D 96 11.93 22.54 -36.83
N ALA D 97 11.27 22.05 -37.89
CA ALA D 97 11.74 20.82 -38.53
C ALA D 97 11.21 20.86 -39.94
N SER D 98 12.02 20.44 -40.91
CA SER D 98 11.57 20.36 -42.30
C SER D 98 10.99 18.98 -42.55
N THR D 99 10.09 18.87 -43.53
CA THR D 99 9.41 17.59 -43.74
C THR D 99 9.93 16.86 -44.98
N LEU D 100 9.48 15.62 -45.12
CA LEU D 100 9.85 14.80 -46.28
C LEU D 100 9.22 15.25 -47.59
N GLY D 101 8.34 16.26 -47.53
CA GLY D 101 7.83 16.80 -48.78
C GLY D 101 6.49 17.48 -48.65
N LEU D 102 5.67 17.00 -47.71
CA LEU D 102 4.26 17.43 -47.60
C LEU D 102 4.00 18.14 -46.28
N VAL D 103 2.79 18.70 -46.14
CA VAL D 103 2.43 19.39 -44.90
C VAL D 103 2.18 18.39 -43.78
N LEU D 104 1.39 17.35 -44.07
CA LEU D 104 1.18 16.28 -43.11
C LEU D 104 2.21 15.21 -43.47
N ASP D 105 3.34 15.25 -42.77
CA ASP D 105 4.45 14.37 -43.13
C ASP D 105 5.40 14.16 -41.96
N ALA D 106 6.30 13.20 -42.11
CA ALA D 106 7.40 13.03 -41.19
C ALA D 106 8.41 14.15 -41.32
N MET D 107 9.21 14.33 -40.26
CA MET D 107 10.16 15.43 -40.19
C MET D 107 11.57 14.89 -40.03
N ASP D 108 12.43 15.17 -41.00
CA ASP D 108 13.76 14.56 -41.05
C ASP D 108 14.90 15.47 -40.53
N TYR D 109 14.80 16.78 -40.69
CA TYR D 109 15.83 17.67 -40.17
C TYR D 109 15.19 18.55 -39.12
N TRP D 110 15.85 18.71 -37.97
CA TRP D 110 15.32 19.45 -36.86
C TRP D 110 16.30 20.54 -36.44
N GLY D 111 15.74 21.70 -36.06
CA GLY D 111 16.57 22.74 -35.40
C GLY D 111 17.03 22.29 -34.01
N GLN D 112 17.89 23.10 -33.37
CA GLN D 112 18.44 22.74 -32.07
C GLN D 112 17.43 22.99 -30.94
N GLY D 113 16.30 23.65 -31.23
CA GLY D 113 15.33 23.97 -30.20
C GLY D 113 15.61 25.34 -29.61
N THR D 114 14.52 25.99 -29.21
CA THR D 114 14.52 27.29 -28.48
C THR D 114 13.69 27.13 -27.19
N LEU D 115 14.32 27.37 -26.04
CA LEU D 115 13.60 27.28 -24.78
C LEU D 115 12.88 28.62 -24.60
N VAL D 116 11.59 28.52 -24.31
CA VAL D 116 10.77 29.69 -23.97
C VAL D 116 10.28 29.47 -22.57
N THR D 117 10.66 30.36 -21.65
CA THR D 117 10.22 30.24 -20.25
C THR D 117 9.26 31.36 -19.92
N VAL D 118 8.06 31.01 -19.43
CA VAL D 118 7.06 32.01 -19.05
C VAL D 118 7.20 32.22 -17.55
N SER D 119 7.75 33.38 -17.18
CA SER D 119 7.94 33.70 -15.78
C SER D 119 7.94 35.21 -15.60
N SER D 120 7.51 35.62 -14.41
CA SER D 120 7.53 37.04 -14.01
CA SER D 120 7.53 37.04 -14.04
C SER D 120 8.86 37.45 -13.38
N ALA D 121 9.78 36.48 -13.21
CA ALA D 121 11.02 36.73 -12.49
C ALA D 121 11.99 37.66 -13.20
N SER D 122 12.81 38.36 -12.40
CA SER D 122 13.98 39.05 -12.90
C SER D 122 15.23 38.20 -12.59
N THR D 123 16.36 38.50 -13.21
CA THR D 123 17.61 37.79 -12.92
C THR D 123 17.91 37.84 -11.42
N LYS D 124 18.22 36.69 -10.82
CA LYS D 124 18.41 36.62 -9.36
C LYS D 124 19.35 35.49 -9.10
N GLY D 125 20.38 35.76 -8.30
CA GLY D 125 21.33 34.70 -7.94
C GLY D 125 20.76 33.76 -6.90
N PRO D 126 21.24 32.52 -6.85
CA PRO D 126 20.69 31.57 -5.89
C PRO D 126 21.11 31.84 -4.44
N SER D 127 20.28 31.41 -3.50
CA SER D 127 20.68 31.17 -2.12
C SER D 127 21.14 29.74 -2.03
N VAL D 128 22.22 29.49 -1.31
CA VAL D 128 22.74 28.11 -1.31
C VAL D 128 22.71 27.62 0.15
N PHE D 129 21.89 26.60 0.40
CA PHE D 129 21.67 26.13 1.76
C PHE D 129 22.22 24.71 1.89
N PRO D 130 22.80 24.37 3.06
CA PRO D 130 23.31 23.00 3.25
C PRO D 130 22.18 21.97 3.42
N LEU D 131 22.43 20.76 2.91
CA LEU D 131 21.59 19.61 3.16
C LEU D 131 22.45 18.66 3.97
N ALA D 132 22.14 18.57 5.25
CA ALA D 132 22.95 17.75 6.11
C ALA D 132 22.03 16.99 7.05
N PRO D 133 22.39 15.75 7.37
CA PRO D 133 21.51 14.95 8.23
C PRO D 133 21.55 15.51 9.64
N CYS D 134 20.49 15.31 10.41
CA CYS D 134 20.53 15.57 11.85
CA CYS D 134 20.63 15.59 11.83
C CYS D 134 20.98 14.33 12.61
N SER D 135 20.44 13.18 12.18
CA SER D 135 20.78 11.87 12.76
C SER D 135 21.14 10.90 11.64
N ARG D 136 21.86 9.83 11.98
CA ARG D 136 22.25 8.78 11.03
C ARG D 136 22.66 7.47 11.72
N SER D 137 21.82 6.44 11.61
CA SER D 137 22.05 5.15 12.30
C SER D 137 23.34 4.42 11.91
N THR D 138 23.80 3.53 12.78
CA THR D 138 25.01 2.76 12.54
C THR D 138 24.79 1.69 11.47
N SER D 139 23.54 1.32 11.26
CA SER D 139 23.19 0.30 10.27
C SER D 139 23.26 0.87 8.86
N GLU D 140 23.61 2.15 8.75
CA GLU D 140 23.71 2.81 7.46
C GLU D 140 25.18 2.85 7.04
N SER D 141 25.48 2.16 5.94
CA SER D 141 26.84 2.09 5.43
C SER D 141 27.17 3.32 4.58
N THR D 142 26.15 4.04 4.13
CA THR D 142 26.38 5.27 3.40
C THR D 142 25.66 6.47 4.03
N ALA D 143 26.21 7.65 3.77
CA ALA D 143 25.62 8.90 4.25
C ALA D 143 25.47 9.82 3.06
N ALA D 144 24.58 10.82 3.18
CA ALA D 144 24.40 11.77 2.09
C ALA D 144 24.51 13.19 2.62
N LEU D 145 25.07 14.05 1.78
CA LEU D 145 25.19 15.47 2.04
C LEU D 145 24.77 16.21 0.77
N GLY D 146 24.41 17.47 0.85
CA GLY D 146 24.22 18.15 -0.39
C GLY D 146 24.01 19.64 -0.20
N CYS D 147 23.60 20.29 -1.27
CA CYS D 147 23.28 21.71 -1.24
CA CYS D 147 23.20 21.69 -1.16
C CYS D 147 21.94 21.95 -1.94
N LEU D 148 21.13 22.81 -1.34
CA LEU D 148 19.89 23.23 -2.00
C LEU D 148 20.15 24.61 -2.61
N VAL D 149 20.01 24.67 -3.93
CA VAL D 149 20.36 25.84 -4.69
C VAL D 149 18.99 26.49 -5.05
N LYS D 150 18.58 27.47 -4.25
CA LYS D 150 17.18 27.92 -4.29
C LYS D 150 16.96 29.34 -4.81
N ASP D 151 15.87 29.52 -5.56
CA ASP D 151 15.33 30.83 -5.87
C ASP D 151 16.26 31.60 -6.77
N TYR D 152 16.66 30.99 -7.88
CA TYR D 152 17.45 31.69 -8.89
C TYR D 152 16.71 31.82 -10.22
N PHE D 153 17.26 32.66 -11.10
CA PHE D 153 16.68 32.93 -12.43
C PHE D 153 17.66 33.72 -13.29
N PRO D 154 17.83 33.37 -14.58
CA PRO D 154 17.25 32.25 -15.33
C PRO D 154 18.17 31.03 -15.14
N GLU D 155 17.87 29.93 -15.84
CA GLU D 155 18.85 28.84 -15.95
C GLU D 155 20.02 29.29 -16.83
N PRO D 156 21.19 28.63 -16.72
CA PRO D 156 21.51 27.52 -15.83
C PRO D 156 22.36 27.95 -14.61
N VAL D 157 22.57 26.99 -13.70
CA VAL D 157 23.56 27.11 -12.64
C VAL D 157 24.48 25.87 -12.65
N THR D 158 25.79 26.08 -12.50
CA THR D 158 26.74 24.98 -12.57
C THR D 158 27.11 24.69 -11.13
N VAL D 159 27.01 23.42 -10.72
CA VAL D 159 27.32 23.01 -9.35
C VAL D 159 28.46 22.01 -9.41
N SER D 160 29.49 22.31 -8.62
CA SER D 160 30.60 21.35 -8.46
CA SER D 160 30.64 21.39 -8.45
C SER D 160 30.77 21.03 -6.99
N TRP D 161 31.58 20.02 -6.71
CA TRP D 161 31.89 19.67 -5.34
C TRP D 161 33.40 19.70 -5.17
N ASN D 162 33.81 20.27 -4.05
CA ASN D 162 35.23 20.37 -3.69
C ASN D 162 36.01 20.98 -4.86
N SER D 163 35.45 22.05 -5.46
CA SER D 163 36.09 22.77 -6.54
C SER D 163 36.39 21.88 -7.77
N GLY D 164 35.58 20.83 -7.94
CA GLY D 164 35.68 19.96 -9.10
C GLY D 164 36.48 18.70 -8.79
N ALA D 165 37.08 18.65 -7.61
CA ALA D 165 37.86 17.45 -7.24
C ALA D 165 36.98 16.23 -6.92
N LEU D 166 35.73 16.49 -6.56
CA LEU D 166 34.80 15.43 -6.18
C LEU D 166 33.72 15.30 -7.24
N THR D 167 33.73 14.18 -7.95
CA THR D 167 32.71 13.94 -8.98
C THR D 167 31.98 12.62 -8.79
N SER D 168 32.68 11.59 -8.28
CA SER D 168 32.01 10.31 -8.08
C SER D 168 30.96 10.38 -6.97
N GLY D 169 29.79 9.79 -7.21
CA GLY D 169 28.75 9.71 -6.19
C GLY D 169 27.89 10.98 -6.16
N VAL D 170 28.16 11.92 -7.07
CA VAL D 170 27.39 13.19 -7.08
C VAL D 170 26.15 13.00 -7.97
N HIS D 171 24.98 13.50 -7.51
CA HIS D 171 23.83 13.65 -8.40
C HIS D 171 23.37 15.08 -8.30
N THR D 172 23.45 15.81 -9.41
CA THR D 172 22.86 17.16 -9.47
C THR D 172 21.56 17.01 -10.22
N PHE D 173 20.46 17.35 -9.56
CA PHE D 173 19.12 17.09 -10.11
C PHE D 173 18.66 18.19 -11.07
N PRO D 174 17.74 17.83 -12.00
CA PRO D 174 17.10 18.81 -12.84
C PRO D 174 16.48 19.87 -11.96
N ALA D 175 16.63 21.14 -12.33
CA ALA D 175 15.93 22.20 -11.58
C ALA D 175 14.42 22.06 -11.75
N VAL D 176 13.66 22.55 -10.76
CA VAL D 176 12.21 22.72 -10.91
C VAL D 176 11.92 24.21 -10.96
N LEU D 177 11.03 24.61 -11.85
CA LEU D 177 10.51 26.00 -11.85
C LEU D 177 9.37 26.05 -10.85
N GLN D 178 9.54 26.89 -9.82
CA GLN D 178 8.60 26.96 -8.70
C GLN D 178 7.42 27.87 -9.11
N SER D 179 6.36 27.81 -8.35
CA SER D 179 5.20 28.65 -8.67
C SER D 179 5.54 30.15 -8.56
N SER D 180 6.64 30.48 -7.86
CA SER D 180 7.11 31.86 -7.75
C SER D 180 7.79 32.35 -9.03
N GLY D 181 8.04 31.41 -9.95
CA GLY D 181 8.70 31.71 -11.21
C GLY D 181 10.22 31.67 -11.10
N LEU D 182 10.70 31.24 -9.93
CA LEU D 182 12.14 31.03 -9.73
C LEU D 182 12.47 29.54 -9.75
N TYR D 183 13.70 29.23 -10.11
CA TYR D 183 14.14 27.81 -10.10
C TYR D 183 14.70 27.36 -8.73
N SER D 184 14.74 26.06 -8.50
CA SER D 184 15.34 25.49 -7.30
C SER D 184 15.91 24.16 -7.71
N LEU D 185 17.09 23.86 -7.21
CA LEU D 185 17.62 22.53 -7.48
C LEU D 185 18.40 22.02 -6.32
N SER D 186 18.61 20.70 -6.29
CA SER D 186 19.50 20.17 -5.27
C SER D 186 20.63 19.40 -5.92
N SER D 187 21.77 19.38 -5.24
CA SER D 187 22.87 18.54 -5.67
C SER D 187 23.30 17.79 -4.46
N VAL D 188 23.54 16.48 -4.60
CA VAL D 188 23.86 15.69 -3.42
C VAL D 188 25.07 14.82 -3.74
N VAL D 189 25.74 14.38 -2.68
CA VAL D 189 26.83 13.41 -2.79
CA VAL D 189 26.81 13.39 -2.80
C VAL D 189 26.57 12.31 -1.76
N THR D 190 26.83 11.05 -2.13
CA THR D 190 26.78 10.03 -1.10
C THR D 190 28.20 9.53 -0.87
N VAL D 191 28.46 9.23 0.39
CA VAL D 191 29.80 8.88 0.86
C VAL D 191 29.72 7.73 1.84
N PRO D 192 30.83 6.99 2.02
CA PRO D 192 30.83 6.02 3.11
C PRO D 192 30.55 6.74 4.42
N SER D 193 29.76 6.13 5.30
CA SER D 193 29.46 6.71 6.61
C SER D 193 30.69 7.18 7.37
N SER D 194 31.78 6.43 7.29
CA SER D 194 33.01 6.81 8.00
C SER D 194 33.68 8.09 7.47
N SER D 195 33.29 8.53 6.26
CA SER D 195 33.85 9.76 5.70
C SER D 195 33.13 10.99 6.24
N LEU D 196 31.92 10.78 6.75
CA LEU D 196 31.17 11.91 7.30
C LEU D 196 31.87 12.36 8.58
N GLY D 197 32.16 13.63 8.71
CA GLY D 197 32.94 14.03 9.87
C GLY D 197 34.44 13.83 9.82
N THR D 198 34.99 13.02 8.89
CA THR D 198 36.44 13.02 8.69
C THR D 198 36.87 13.74 7.42
N LYS D 199 35.94 13.96 6.49
CA LYS D 199 36.28 14.66 5.26
C LYS D 199 35.42 15.92 5.11
N THR D 200 35.87 16.81 4.24
CA THR D 200 35.22 18.13 4.11
C THR D 200 34.54 18.14 2.76
N TYR D 201 33.29 18.59 2.76
CA TYR D 201 32.50 18.60 1.52
C TYR D 201 31.97 20.03 1.30
N THR D 202 32.36 20.64 0.18
CA THR D 202 32.00 22.02 -0.14
C THR D 202 31.36 22.07 -1.52
N CYS D 203 30.16 22.61 -1.61
CA CYS D 203 29.57 22.74 -2.93
C CYS D 203 29.85 24.13 -3.46
N ASN D 204 30.16 24.21 -4.75
CA ASN D 204 30.49 25.44 -5.42
C ASN D 204 29.42 25.70 -6.48
N VAL D 205 28.78 26.85 -6.39
CA VAL D 205 27.66 27.16 -7.29
C VAL D 205 28.00 28.41 -8.11
N ASP D 206 27.89 28.30 -9.43
CA ASP D 206 28.21 29.39 -10.34
C ASP D 206 26.95 29.74 -11.11
N HIS D 207 26.55 31.00 -11.07
CA HIS D 207 25.35 31.44 -11.80
C HIS D 207 25.78 32.67 -12.61
N LYS D 208 26.14 32.42 -13.87
CA LYS D 208 26.71 33.46 -14.72
C LYS D 208 25.79 34.65 -14.97
N PRO D 209 24.47 34.44 -15.20
CA PRO D 209 23.59 35.62 -15.43
C PRO D 209 23.59 36.67 -14.33
N SER D 210 23.80 36.25 -13.08
CA SER D 210 23.87 37.19 -11.95
C SER D 210 25.29 37.46 -11.46
N ASN D 211 26.31 36.93 -12.17
CA ASN D 211 27.70 37.07 -11.74
CA ASN D 211 27.71 37.05 -11.77
C ASN D 211 27.86 36.61 -10.31
N THR D 212 27.23 35.47 -9.98
CA THR D 212 27.18 34.93 -8.60
C THR D 212 28.11 33.69 -8.56
N LYS D 213 28.97 33.61 -7.55
CA LYS D 213 29.74 32.39 -7.25
C LYS D 213 29.73 32.22 -5.73
N VAL D 214 29.25 31.07 -5.25
CA VAL D 214 29.04 30.81 -3.84
C VAL D 214 29.65 29.45 -3.52
N ASP D 215 30.51 29.39 -2.50
CA ASP D 215 30.98 28.11 -1.95
C ASP D 215 30.23 27.88 -0.63
N LYS D 216 29.75 26.66 -0.41
CA LYS D 216 29.10 26.33 0.87
C LYS D 216 29.70 25.03 1.41
N ARG D 217 30.42 25.13 2.53
CA ARG D 217 30.88 23.92 3.24
C ARG D 217 29.71 23.31 4.00
N VAL D 218 29.43 22.04 3.74
CA VAL D 218 28.25 21.40 4.32
C VAL D 218 28.55 20.66 5.62
N GLU D 219 27.93 21.10 6.70
CA GLU D 219 28.06 20.45 7.96
C GLU D 219 26.71 20.22 8.60
N PRO D 220 26.58 19.07 9.25
CA PRO D 220 25.43 18.74 10.08
C PRO D 220 25.51 19.44 11.43
#